data_3K1X
#
_entry.id   3K1X
#
_cell.length_a   97.022
_cell.length_b   47.349
_cell.length_c   97.975
_cell.angle_alpha   90.00
_cell.angle_beta   106.64
_cell.angle_gamma   90.00
#
_symmetry.space_group_name_H-M   'P 1 2 1'
#
loop_
_entity.id
_entity.type
_entity.pdbx_description
1 polymer 'Heparin-binding growth factor 1'
2 non-polymer '2,5-dihydroxybenzenesulfonic acid'
3 water water
#
_entity_poly.entity_id   1
_entity_poly.type   'polypeptide(L)'
_entity_poly.pdbx_seq_one_letter_code
;KKPKLLYCSNGGHFLRILPDGTVDGTRDRSDQHIQLQLSAESVGEVYIKSTETGQYLAMDTDGLLYGSQTPNEECLFLER
LEENHYNTYISKKHAEKNWFVGLKKNGSCKRGPRTHYGQKAILFLPLPVS
;
_entity_poly.pdbx_strand_id   A,B,C,D,E,F
#
loop_
_chem_comp.id
_chem_comp.type
_chem_comp.name
_chem_comp.formula
DBX non-polymer '2,5-dihydroxybenzenesulfonic acid' 'C6 H6 O5 S'
#
# COMPACT_ATOMS: atom_id res chain seq x y z
N LYS A 1 -4.88 26.41 -7.28
CA LYS A 1 -3.73 27.26 -7.05
C LYS A 1 -4.01 28.28 -5.94
N LYS A 2 -3.02 29.09 -5.64
CA LYS A 2 -3.15 30.11 -4.59
C LYS A 2 -1.91 30.18 -3.72
N PRO A 3 -1.74 31.30 -3.03
CA PRO A 3 -0.57 31.49 -2.15
C PRO A 3 -0.64 30.59 -0.92
N LYS A 4 0.26 29.61 -0.88
CA LYS A 4 0.31 28.66 0.27
C LYS A 4 1.53 28.89 1.15
N LEU A 5 1.47 28.49 2.42
CA LEU A 5 2.64 28.11 3.23
C LEU A 5 2.75 26.58 3.13
N LEU A 6 3.98 26.09 3.13
CA LEU A 6 4.29 24.67 3.22
C LEU A 6 4.92 24.43 4.57
N TYR A 7 4.10 23.88 5.48
CA TYR A 7 4.56 23.55 6.83
C TYR A 7 5.21 22.20 7.03
N CYS A 8 6.47 22.16 7.49
CA CYS A 8 7.23 20.96 7.64
C CYS A 8 6.97 20.41 9.03
N SER A 9 6.44 19.22 8.96
CA SER A 9 6.15 18.49 10.14
C SER A 9 7.38 18.20 11.07
N ASN A 10 8.64 18.22 10.56
CA ASN A 10 9.78 17.68 11.22
C ASN A 10 10.10 18.60 12.43
N GLY A 11 10.32 19.91 12.20
CA GLY A 11 10.53 20.78 13.36
C GLY A 11 9.56 21.90 13.42
N GLY A 12 8.49 21.83 12.61
CA GLY A 12 7.53 22.89 12.58
C GLY A 12 7.94 24.18 11.90
N HIS A 13 8.57 24.09 10.75
CA HIS A 13 9.08 25.24 9.98
C HIS A 13 8.30 25.40 8.70
N PHE A 14 7.96 26.64 8.31
CA PHE A 14 7.55 26.92 6.93
C PHE A 14 8.68 26.93 5.96
N LEU A 15 8.49 26.31 4.78
CA LEU A 15 9.56 26.10 3.87
C LEU A 15 9.81 27.54 3.32
N ARG A 16 11.05 27.96 3.30
CA ARG A 16 11.40 29.39 2.97
C ARG A 16 12.39 29.49 1.78
N ILE A 17 12.11 30.29 0.72
CA ILE A 17 13.15 30.42 -0.34
C ILE A 17 13.73 31.82 -0.14
N LEU A 18 14.92 31.88 0.45
CA LEU A 18 15.58 33.20 0.66
C LEU A 18 16.01 33.83 -0.70
N PRO A 19 16.10 35.17 -0.75
CA PRO A 19 16.51 35.76 -2.02
C PRO A 19 17.89 35.34 -2.64
N ASP A 20 18.84 34.94 -1.82
CA ASP A 20 20.11 34.44 -2.31
C ASP A 20 20.09 33.05 -2.86
N GLY A 21 18.91 32.43 -2.93
CA GLY A 21 18.76 31.11 -3.49
C GLY A 21 18.87 30.03 -2.40
N THR A 22 19.00 30.46 -1.15
CA THR A 22 19.15 29.53 -0.03
C THR A 22 17.73 29.05 0.31
N VAL A 23 17.56 27.73 0.54
CA VAL A 23 16.27 27.17 0.98
C VAL A 23 16.42 26.67 2.43
N ASP A 24 15.55 27.11 3.35
CA ASP A 24 15.49 26.63 4.72
C ASP A 24 14.03 26.73 5.26
N GLY A 25 13.86 26.76 6.58
CA GLY A 25 12.55 26.89 7.14
C GLY A 25 12.63 27.93 8.25
N THR A 26 11.48 28.53 8.56
CA THR A 26 11.37 29.40 9.70
C THR A 26 10.07 29.11 10.37
N ARG A 27 9.98 29.40 11.63
CA ARG A 27 8.73 29.40 12.41
C ARG A 27 7.93 30.67 12.30
N ASP A 28 8.60 31.73 11.86
CA ASP A 28 7.95 33.05 11.77
C ASP A 28 6.98 33.18 10.64
N ARG A 29 5.70 33.26 11.02
CA ARG A 29 4.67 33.20 10.02
C ARG A 29 4.53 34.47 9.14
N SER A 30 5.05 35.59 9.67
CA SER A 30 5.14 36.92 8.99
C SER A 30 6.26 36.99 8.01
N ASP A 31 6.98 35.89 7.85
CA ASP A 31 8.16 35.98 6.94
C ASP A 31 7.71 36.09 5.53
N GLN A 32 8.42 36.93 4.76
CA GLN A 32 8.01 37.32 3.42
C GLN A 32 8.23 36.18 2.49
N HIS A 33 9.23 35.34 2.86
CA HIS A 33 9.77 34.35 1.90
C HIS A 33 9.22 32.94 2.04
N ILE A 34 8.23 32.84 2.90
CA ILE A 34 7.49 31.55 3.07
C ILE A 34 6.21 31.45 2.24
N GLN A 35 5.76 32.56 1.66
CA GLN A 35 4.66 32.55 0.65
C GLN A 35 4.89 31.94 -0.71
N LEU A 36 4.27 30.82 -0.98
CA LEU A 36 4.57 30.11 -2.17
C LEU A 36 3.40 29.97 -3.10
N GLN A 37 3.67 29.69 -4.34
CA GLN A 37 2.65 29.51 -5.31
C GLN A 37 2.83 28.15 -5.93
N LEU A 38 1.84 27.30 -5.82
CA LEU A 38 2.00 26.04 -6.49
C LEU A 38 1.25 26.01 -7.82
N SER A 39 1.90 25.50 -8.84
CA SER A 39 1.42 25.48 -10.19
C SER A 39 1.55 24.12 -10.76
N ALA A 40 0.44 23.52 -11.17
CA ALA A 40 0.45 22.20 -11.81
C ALA A 40 0.95 22.25 -13.27
N GLU A 41 2.17 21.78 -13.51
CA GLU A 41 2.64 21.73 -14.89
C GLU A 41 1.82 20.69 -15.66
N SER A 42 1.90 19.46 -15.20
CA SER A 42 1.02 18.39 -15.64
C SER A 42 0.14 18.03 -14.45
N VAL A 43 -0.54 16.90 -14.55
CA VAL A 43 -1.28 16.32 -13.42
C VAL A 43 -0.34 16.14 -12.17
N GLY A 44 0.60 15.19 -12.25
CA GLY A 44 1.47 14.83 -11.10
C GLY A 44 2.46 15.88 -10.56
N GLU A 45 2.99 16.69 -11.47
CA GLU A 45 4.06 17.64 -11.16
C GLU A 45 3.54 19.00 -10.75
N VAL A 46 4.35 19.70 -9.94
CA VAL A 46 4.11 21.08 -9.49
C VAL A 46 5.43 21.85 -9.58
N TYR A 47 5.29 23.16 -9.73
CA TYR A 47 6.37 24.10 -9.51
C TYR A 47 5.97 24.75 -8.20
N ILE A 48 6.96 25.16 -7.41
CA ILE A 48 6.71 25.79 -6.14
C ILE A 48 7.51 27.08 -6.28
N LYS A 49 6.80 28.21 -6.32
CA LYS A 49 7.40 29.57 -6.67
C LYS A 49 7.22 30.48 -5.48
N SER A 50 8.28 31.19 -5.11
CA SER A 50 8.10 32.28 -4.19
C SER A 50 7.21 33.39 -4.79
N THR A 51 6.18 33.84 -4.08
CA THR A 51 5.41 34.98 -4.52
C THR A 51 6.06 36.34 -4.06
N GLU A 52 7.19 36.30 -3.39
CA GLU A 52 7.97 37.50 -3.06
C GLU A 52 9.04 37.75 -4.15
N THR A 53 9.70 36.71 -4.66
CA THR A 53 10.88 36.96 -5.48
C THR A 53 10.74 36.30 -6.86
N GLY A 54 9.70 35.46 -7.01
CA GLY A 54 9.43 34.73 -8.26
C GLY A 54 10.41 33.61 -8.46
N GLN A 55 11.22 33.34 -7.46
CA GLN A 55 12.11 32.14 -7.54
C GLN A 55 11.38 30.82 -7.40
N TYR A 56 11.83 29.80 -8.14
CA TYR A 56 11.26 28.45 -8.11
C TYR A 56 12.19 27.54 -7.30
N LEU A 57 11.59 26.75 -6.39
CA LEU A 57 12.33 25.83 -5.55
C LEU A 57 12.89 24.79 -6.51
N ALA A 58 14.12 24.39 -6.29
CA ALA A 58 14.82 23.49 -7.14
C ALA A 58 15.68 22.60 -6.25
N MET A 59 16.05 21.43 -6.81
CA MET A 59 17.03 20.52 -6.25
C MET A 59 18.17 20.25 -7.23
N ASP A 60 19.39 20.53 -6.81
CA ASP A 60 20.53 20.28 -7.67
C ASP A 60 20.95 18.79 -7.65
N THR A 61 22.04 18.46 -8.33
CA THR A 61 22.40 17.06 -8.63
C THR A 61 22.91 16.31 -7.41
N ASP A 62 23.32 17.08 -6.39
CA ASP A 62 23.72 16.58 -5.08
C ASP A 62 22.63 16.55 -4.05
N GLY A 63 21.40 16.70 -4.49
CA GLY A 63 20.24 16.74 -3.58
C GLY A 63 19.99 18.03 -2.78
N LEU A 64 20.82 19.07 -2.99
CA LEU A 64 20.69 20.37 -2.32
C LEU A 64 19.59 21.27 -2.90
N LEU A 65 18.75 21.78 -2.00
CA LEU A 65 17.66 22.67 -2.43
C LEU A 65 18.16 24.09 -2.69
N TYR A 66 17.62 24.73 -3.71
CA TYR A 66 18.09 26.13 -4.01
C TYR A 66 16.92 26.79 -4.68
N GLY A 67 16.94 28.13 -4.67
CA GLY A 67 15.94 28.92 -5.35
C GLY A 67 16.50 29.30 -6.70
N SER A 68 15.72 29.07 -7.75
CA SER A 68 16.20 29.29 -9.12
C SER A 68 15.42 30.42 -9.72
N GLN A 69 16.13 31.40 -10.31
CA GLN A 69 15.54 32.55 -11.01
C GLN A 69 14.55 32.17 -12.11
N THR A 70 14.86 31.08 -12.82
CA THR A 70 14.09 30.74 -13.99
C THR A 70 13.88 29.21 -14.03
N PRO A 71 12.65 28.77 -14.34
CA PRO A 71 12.19 27.39 -14.19
C PRO A 71 12.82 26.29 -15.09
N ASN A 72 13.96 25.74 -14.69
CA ASN A 72 14.57 24.61 -15.39
C ASN A 72 13.90 23.26 -15.01
N GLU A 73 14.57 22.14 -15.33
CA GLU A 73 13.96 20.80 -15.10
C GLU A 73 14.20 20.36 -13.63
N GLU A 74 15.20 21.01 -13.02
CA GLU A 74 15.52 20.88 -11.61
C GLU A 74 14.43 21.37 -10.64
N CYS A 75 13.35 21.94 -11.18
CA CYS A 75 12.34 22.77 -10.42
C CYS A 75 11.01 22.10 -10.34
N LEU A 76 10.92 20.94 -11.01
CA LEU A 76 9.67 20.20 -11.12
C LEU A 76 9.64 19.08 -10.03
N PHE A 77 8.51 18.96 -9.32
CA PHE A 77 8.37 18.08 -8.17
C PHE A 77 7.08 17.36 -8.37
N LEU A 78 7.01 16.12 -7.91
CA LEU A 78 5.76 15.34 -7.93
C LEU A 78 5.04 15.49 -6.59
N GLU A 79 3.85 16.05 -6.56
CA GLU A 79 3.09 16.21 -5.32
C GLU A 79 2.21 15.01 -5.05
N ARG A 80 2.52 14.28 -3.98
CA ARG A 80 1.74 13.12 -3.61
C ARG A 80 1.15 13.48 -2.30
N LEU A 81 -0.18 13.43 -2.24
CA LEU A 81 -0.96 13.75 -1.06
C LEU A 81 -0.92 12.52 -0.21
N GLU A 82 -0.79 12.70 1.13
CA GLU A 82 -0.61 11.57 2.03
C GLU A 82 -1.58 11.43 3.15
N GLU A 83 -1.14 10.52 4.05
CA GLU A 83 -1.94 9.89 5.11
C GLU A 83 -2.77 10.93 5.90
N ASN A 84 -2.16 12.07 6.09
CA ASN A 84 -2.65 13.02 7.02
C ASN A 84 -2.80 14.42 6.46
N HIS A 85 -3.12 14.55 5.18
CA HIS A 85 -3.31 15.89 4.63
C HIS A 85 -1.97 16.52 4.28
N TYR A 86 -0.89 15.88 4.78
CA TYR A 86 0.52 16.24 4.47
C TYR A 86 0.87 15.70 3.08
N ASN A 87 1.67 16.47 2.33
CA ASN A 87 2.06 16.12 1.01
C ASN A 87 3.49 15.86 1.20
N THR A 88 4.09 15.16 0.21
CA THR A 88 5.49 15.00 -0.02
C THR A 88 5.72 15.44 -1.44
N TYR A 89 6.98 15.70 -1.70
CA TYR A 89 7.43 16.34 -2.93
C TYR A 89 8.70 15.69 -3.31
N ILE A 90 8.67 14.97 -4.44
CA ILE A 90 9.83 14.29 -5.03
C ILE A 90 10.40 15.07 -6.23
N SER A 91 11.70 15.22 -6.28
CA SER A 91 12.44 15.75 -7.41
C SER A 91 12.05 14.95 -8.66
N LYS A 92 11.93 15.60 -9.81
CA LYS A 92 11.62 14.87 -11.03
C LYS A 92 12.94 14.42 -11.60
N LYS A 93 13.79 15.41 -11.80
CA LYS A 93 15.15 15.21 -12.25
C LYS A 93 15.85 14.09 -11.48
N HIS A 94 15.31 13.68 -10.32
CA HIS A 94 15.85 12.52 -9.61
C HIS A 94 14.79 11.59 -8.93
N ALA A 95 13.66 11.34 -9.57
CA ALA A 95 12.56 10.61 -8.92
C ALA A 95 12.94 9.19 -8.59
N GLU A 96 13.89 8.70 -9.39
CA GLU A 96 14.26 7.29 -9.44
C GLU A 96 15.06 6.96 -8.19
N LYS A 97 15.66 8.01 -7.63
CA LYS A 97 16.36 7.96 -6.36
C LYS A 97 15.53 8.24 -5.12
N ASN A 98 14.32 8.77 -5.31
CA ASN A 98 13.42 9.09 -4.21
C ASN A 98 14.03 10.21 -3.38
N TRP A 99 14.49 11.24 -4.09
CA TRP A 99 14.86 12.52 -3.50
C TRP A 99 13.68 13.36 -3.18
N PHE A 100 13.47 13.56 -1.87
CA PHE A 100 12.41 14.38 -1.38
C PHE A 100 12.95 15.74 -0.97
N VAL A 101 12.03 16.68 -1.07
CA VAL A 101 12.17 17.99 -0.47
C VAL A 101 12.06 17.69 1.05
N GLY A 102 13.05 18.09 1.83
CA GLY A 102 12.90 17.88 3.27
C GLY A 102 13.62 18.92 4.05
N LEU A 103 13.14 19.19 5.27
CA LEU A 103 13.93 20.03 6.25
C LEU A 103 14.26 19.24 7.50
N LYS A 104 15.44 19.53 8.01
CA LYS A 104 15.92 19.00 9.30
C LYS A 104 15.09 19.57 10.52
N LYS A 105 15.16 18.92 11.68
CA LYS A 105 14.51 19.52 12.89
C LYS A 105 14.92 20.96 13.30
N ASN A 106 16.11 21.41 12.91
CA ASN A 106 16.55 22.75 13.21
C ASN A 106 16.25 23.70 12.07
N GLY A 107 15.50 23.28 11.04
CA GLY A 107 15.12 24.32 10.03
C GLY A 107 16.02 24.37 8.82
N SER A 108 17.19 23.71 8.88
CA SER A 108 18.08 23.48 7.72
C SER A 108 17.52 22.60 6.66
N CYS A 109 17.91 22.83 5.39
CA CYS A 109 17.39 21.90 4.39
C CYS A 109 18.05 20.53 4.55
N LYS A 110 17.34 19.43 4.28
CA LYS A 110 17.89 18.08 4.39
C LYS A 110 18.24 17.64 2.93
N ARG A 111 19.49 17.31 2.63
CA ARG A 111 19.84 17.00 1.22
C ARG A 111 19.14 15.68 0.80
N GLY A 112 18.69 15.61 -0.47
CA GLY A 112 17.80 14.60 -1.00
C GLY A 112 18.14 13.17 -0.65
N PRO A 113 19.44 12.82 -0.70
CA PRO A 113 19.82 11.45 -0.40
C PRO A 113 19.56 10.97 1.03
N ARG A 114 19.37 11.92 1.98
CA ARG A 114 19.18 11.63 3.40
C ARG A 114 17.73 11.58 3.76
N THR A 115 16.88 11.70 2.74
CA THR A 115 15.43 11.66 2.94
C THR A 115 14.96 10.22 2.70
N HIS A 116 13.74 9.89 3.07
CA HIS A 116 13.26 8.53 2.93
C HIS A 116 11.83 8.58 3.31
N TYR A 117 11.03 7.76 2.66
CA TYR A 117 9.63 7.76 2.92
C TYR A 117 9.44 7.48 4.42
N GLY A 118 8.38 7.99 5.00
CA GLY A 118 8.13 7.80 6.44
C GLY A 118 8.76 8.79 7.43
N GLN A 119 9.89 9.37 7.07
CA GLN A 119 10.44 10.56 7.77
C GLN A 119 9.46 11.73 7.94
N LYS A 120 9.55 12.43 9.08
CA LYS A 120 8.75 13.64 9.23
C LYS A 120 9.35 14.78 8.37
N ALA A 121 10.67 14.72 8.07
CA ALA A 121 11.45 15.75 7.27
C ALA A 121 10.76 16.11 5.93
N ILE A 122 9.99 15.16 5.35
CA ILE A 122 9.54 15.20 3.96
C ILE A 122 8.10 15.53 3.88
N LEU A 123 7.46 15.75 5.01
CA LEU A 123 6.04 15.94 5.03
C LEU A 123 5.73 17.43 5.18
N PHE A 124 4.93 17.98 4.22
CA PHE A 124 4.55 19.35 4.19
C PHE A 124 3.07 19.48 4.11
N LEU A 125 2.52 20.23 5.02
CA LEU A 125 1.14 20.55 4.97
C LEU A 125 0.91 21.93 4.28
N PRO A 126 0.09 21.95 3.19
CA PRO A 126 -0.22 23.11 2.43
C PRO A 126 -1.24 23.88 3.18
N LEU A 127 -0.98 25.15 3.44
CA LEU A 127 -1.89 25.99 4.20
C LEU A 127 -2.21 27.26 3.40
N PRO A 128 -3.49 27.49 3.04
CA PRO A 128 -3.82 28.77 2.40
C PRO A 128 -3.45 29.87 3.34
N VAL A 129 -2.76 30.92 2.86
CA VAL A 129 -2.27 31.98 3.76
C VAL A 129 -3.16 33.24 3.74
N SER A 130 -2.69 34.25 4.48
CA SER A 130 -3.39 35.55 4.78
C SER A 130 -4.40 35.44 5.93
N LYS B 1 -3.14 14.88 33.37
CA LYS B 1 -3.39 15.07 31.91
C LYS B 1 -2.81 13.95 31.00
N LYS B 2 -3.69 13.35 30.20
CA LYS B 2 -3.30 12.77 28.92
C LYS B 2 -3.80 13.80 27.88
N PRO B 3 -3.41 13.66 26.61
CA PRO B 3 -4.05 14.59 25.70
C PRO B 3 -5.54 14.26 25.45
N LYS B 4 -6.25 15.21 24.83
CA LYS B 4 -7.71 15.21 24.72
C LYS B 4 -8.09 15.75 23.38
N LEU B 5 -9.23 15.33 22.83
CA LEU B 5 -10.00 16.04 21.82
C LEU B 5 -10.97 16.94 22.56
N LEU B 6 -11.26 18.13 22.05
CA LEU B 6 -12.27 19.04 22.66
C LEU B 6 -13.32 19.16 21.66
N TYR B 7 -14.37 18.35 21.90
CA TYR B 7 -15.56 18.32 21.06
C TYR B 7 -16.62 19.39 21.30
N CYS B 8 -16.95 20.15 20.26
CA CYS B 8 -17.87 21.21 20.40
C CYS B 8 -19.22 20.64 19.99
N SER B 9 -20.19 20.62 20.91
CA SER B 9 -21.52 20.19 20.48
C SER B 9 -22.28 21.10 19.60
N ASN B 10 -21.89 22.38 19.35
CA ASN B 10 -22.72 23.24 18.51
C ASN B 10 -22.84 22.58 17.11
N GLY B 11 -21.72 22.31 16.44
CA GLY B 11 -21.87 21.57 15.14
C GLY B 11 -21.21 20.21 15.11
N GLY B 12 -20.63 19.74 16.26
CA GLY B 12 -20.06 18.42 16.31
C GLY B 12 -18.61 18.45 15.80
N HIS B 13 -17.79 19.40 16.27
CA HIS B 13 -16.38 19.51 15.70
C HIS B 13 -15.38 19.38 16.77
N PHE B 14 -14.25 18.73 16.49
CA PHE B 14 -13.10 18.81 17.37
C PHE B 14 -12.35 20.11 17.11
N LEU B 15 -12.03 20.85 18.20
CA LEU B 15 -11.35 22.08 18.12
C LEU B 15 -10.00 21.72 17.49
N ARG B 16 -9.56 22.50 16.47
CA ARG B 16 -8.34 22.19 15.76
C ARG B 16 -7.50 23.49 15.72
N ILE B 17 -6.20 23.42 16.02
CA ILE B 17 -5.25 24.53 15.94
C ILE B 17 -4.30 24.19 14.75
N LEU B 18 -4.61 24.71 13.58
CA LEU B 18 -3.79 24.45 12.38
C LEU B 18 -2.43 25.15 12.49
N PRO B 19 -1.42 24.58 11.86
CA PRO B 19 -0.08 25.16 12.08
C PRO B 19 0.13 26.62 11.58
N ASP B 20 -0.75 27.13 10.69
CA ASP B 20 -0.72 28.54 10.25
C ASP B 20 -1.32 29.42 11.32
N GLY B 21 -1.77 28.82 12.44
CA GLY B 21 -2.31 29.63 13.49
C GLY B 21 -3.82 29.74 13.36
N THR B 22 -4.40 29.17 12.31
CA THR B 22 -5.87 29.16 12.07
C THR B 22 -6.59 28.21 13.08
N VAL B 23 -7.61 28.63 13.82
CA VAL B 23 -8.29 27.71 14.76
C VAL B 23 -9.69 27.45 14.20
N ASP B 24 -10.08 26.19 14.03
CA ASP B 24 -11.43 25.93 13.52
C ASP B 24 -11.89 24.57 14.11
N GLY B 25 -12.83 23.91 13.47
CA GLY B 25 -13.28 22.58 13.87
C GLY B 25 -13.26 21.65 12.73
N THR B 26 -12.96 20.41 13.00
CA THR B 26 -13.15 19.39 12.04
C THR B 26 -14.03 18.17 12.61
N ARG B 27 -14.59 17.38 11.72
CA ARG B 27 -15.13 16.06 12.13
C ARG B 27 -14.14 14.93 11.92
N ASP B 28 -12.92 15.23 11.50
CA ASP B 28 -11.98 14.17 11.14
C ASP B 28 -11.07 13.82 12.27
N ARG B 29 -11.36 12.68 12.90
CA ARG B 29 -10.70 12.21 14.08
C ARG B 29 -9.28 11.79 13.83
N SER B 30 -8.91 11.58 12.57
CA SER B 30 -7.54 11.31 12.25
C SER B 30 -6.82 12.62 11.82
N ASP B 31 -7.44 13.81 12.00
CA ASP B 31 -6.71 15.00 11.90
C ASP B 31 -5.60 15.06 12.97
N GLN B 32 -4.42 15.53 12.57
CA GLN B 32 -3.26 15.58 13.45
C GLN B 32 -3.21 16.79 14.36
N HIS B 33 -4.06 17.80 14.14
CA HIS B 33 -4.03 19.08 14.91
C HIS B 33 -5.22 19.25 15.86
N ILE B 34 -5.93 18.16 16.13
CA ILE B 34 -6.98 18.18 17.16
C ILE B 34 -6.53 17.55 18.48
N GLN B 35 -5.38 16.85 18.59
CA GLN B 35 -5.06 16.23 19.94
C GLN B 35 -4.44 17.31 20.80
N LEU B 36 -5.01 17.65 21.96
CA LEU B 36 -4.64 18.83 22.67
C LEU B 36 -4.17 18.42 24.02
N GLN B 37 -3.19 19.13 24.54
CA GLN B 37 -2.68 18.86 25.87
C GLN B 37 -3.07 20.03 26.78
N LEU B 38 -3.81 19.77 27.88
CA LEU B 38 -4.17 20.90 28.77
C LEU B 38 -3.27 20.79 29.95
N SER B 39 -2.75 21.91 30.39
CA SER B 39 -1.89 21.97 31.53
C SER B 39 -2.46 23.05 32.37
N ALA B 40 -2.70 22.70 33.63
CA ALA B 40 -3.19 23.66 34.62
C ALA B 40 -2.02 24.46 35.13
N GLU B 41 -1.89 25.70 34.68
CA GLU B 41 -0.88 26.61 35.22
C GLU B 41 -1.12 27.15 36.69
N SER B 42 -2.38 27.47 37.02
CA SER B 42 -2.88 27.55 38.38
C SER B 42 -4.12 26.72 38.36
N VAL B 43 -4.73 26.46 39.51
CA VAL B 43 -5.85 25.46 39.62
C VAL B 43 -6.94 25.41 38.49
N GLY B 44 -7.71 26.45 38.26
CA GLY B 44 -8.70 26.33 37.12
C GLY B 44 -8.38 27.16 35.88
N GLU B 45 -7.07 27.35 35.60
CA GLU B 45 -6.49 28.11 34.51
C GLU B 45 -5.59 27.23 33.63
N VAL B 46 -5.85 27.19 32.34
CA VAL B 46 -5.23 26.17 31.54
C VAL B 46 -4.56 26.79 30.35
N TYR B 47 -3.50 26.14 29.89
CA TYR B 47 -3.05 26.31 28.54
C TYR B 47 -3.70 25.12 27.80
N ILE B 48 -4.03 25.33 26.54
CA ILE B 48 -4.57 24.28 25.72
C ILE B 48 -3.58 24.26 24.57
N LYS B 49 -2.83 23.15 24.38
CA LYS B 49 -1.67 23.18 23.47
C LYS B 49 -1.75 22.00 22.49
N SER B 50 -1.54 22.23 21.20
CA SER B 50 -1.38 21.16 20.22
C SER B 50 -0.24 20.19 20.55
N THR B 51 -0.57 18.88 20.66
CA THR B 51 0.54 17.90 20.91
C THR B 51 1.41 17.64 19.67
N GLU B 52 0.82 17.89 18.52
CA GLU B 52 1.44 17.79 17.23
C GLU B 52 2.42 18.93 17.01
N THR B 53 1.99 20.17 17.22
CA THR B 53 2.75 21.39 16.77
C THR B 53 3.32 22.19 17.90
N GLY B 54 2.81 21.93 19.11
CA GLY B 54 3.19 22.69 20.31
C GLY B 54 2.56 24.05 20.33
N GLN B 55 1.66 24.38 19.33
CA GLN B 55 1.01 25.72 19.36
C GLN B 55 -0.08 25.84 20.41
N TYR B 56 -0.17 27.02 21.03
CA TYR B 56 -1.08 27.32 22.18
C TYR B 56 -2.30 28.05 21.62
N LEU B 57 -3.51 27.55 21.91
CA LEU B 57 -4.81 28.24 21.64
C LEU B 57 -4.71 29.62 22.31
N ALA B 58 -5.14 30.64 21.62
CA ALA B 58 -5.01 31.94 22.15
C ALA B 58 -6.15 32.76 21.64
N MET B 59 -6.47 33.87 22.32
CA MET B 59 -7.59 34.69 21.87
C MET B 59 -7.07 36.13 21.78
N ASP B 60 -7.05 36.76 20.60
CA ASP B 60 -6.59 38.18 20.49
C ASP B 60 -7.64 39.24 21.00
N THR B 61 -7.33 40.53 20.80
CA THR B 61 -8.07 41.63 21.47
C THR B 61 -9.40 41.88 20.85
N ASP B 62 -9.61 41.40 19.64
CA ASP B 62 -10.94 41.42 19.01
C ASP B 62 -11.80 40.19 19.30
N GLY B 63 -11.37 39.32 20.21
CA GLY B 63 -12.06 38.09 20.44
C GLY B 63 -11.74 36.92 19.48
N LEU B 64 -10.73 37.05 18.62
CA LEU B 64 -10.41 35.99 17.67
C LEU B 64 -9.41 34.97 18.20
N LEU B 65 -9.79 33.72 18.01
CA LEU B 65 -8.91 32.55 18.30
C LEU B 65 -7.82 32.33 17.28
N TYR B 66 -6.65 31.98 17.79
CA TYR B 66 -5.53 31.73 16.94
C TYR B 66 -4.54 30.78 17.66
N GLY B 67 -3.63 30.20 16.90
CA GLY B 67 -2.64 29.28 17.45
C GLY B 67 -1.34 30.04 17.58
N SER B 68 -0.86 30.10 18.80
CA SER B 68 0.29 30.87 19.17
C SER B 68 1.49 29.98 19.26
N GLN B 69 2.59 30.32 18.56
CA GLN B 69 3.85 29.53 18.57
C GLN B 69 4.45 29.53 19.98
N THR B 70 4.16 30.57 20.74
CA THR B 70 4.73 30.73 22.08
C THR B 70 3.73 31.12 23.17
N PRO B 71 3.98 30.69 24.41
CA PRO B 71 2.95 31.03 25.39
C PRO B 71 3.05 32.53 25.76
N ASN B 72 1.96 33.11 26.22
CA ASN B 72 1.81 34.58 26.43
C ASN B 72 0.50 34.70 27.18
N GLU B 73 0.13 35.91 27.65
CA GLU B 73 -1.13 36.05 28.48
C GLU B 73 -2.44 35.82 27.73
N GLU B 74 -2.39 35.82 26.40
CA GLU B 74 -3.55 35.51 25.56
C GLU B 74 -3.85 34.02 25.48
N CYS B 75 -2.97 33.17 25.99
CA CYS B 75 -3.03 31.69 25.92
C CYS B 75 -3.69 31.04 27.12
N LEU B 76 -3.88 31.82 28.14
CA LEU B 76 -4.54 31.36 29.37
C LEU B 76 -6.02 31.45 29.34
N PHE B 77 -6.70 30.42 29.86
CA PHE B 77 -8.14 30.28 29.76
C PHE B 77 -8.56 29.70 31.12
N LEU B 78 -9.70 30.15 31.63
CA LEU B 78 -10.36 29.68 32.83
C LEU B 78 -11.31 28.54 32.48
N GLU B 79 -11.02 27.37 32.99
CA GLU B 79 -11.83 26.26 32.65
C GLU B 79 -12.82 26.02 33.70
N ARG B 80 -14.05 25.86 33.25
CA ARG B 80 -15.18 25.76 34.16
C ARG B 80 -15.93 24.51 33.74
N LEU B 81 -16.25 23.67 34.72
CA LEU B 81 -17.03 22.47 34.54
C LEU B 81 -18.53 22.85 34.43
N GLU B 82 -19.23 22.23 33.45
CA GLU B 82 -20.57 22.61 33.06
C GLU B 82 -21.40 21.38 33.27
N GLU B 83 -22.71 21.51 33.06
CA GLU B 83 -23.61 20.37 33.00
C GLU B 83 -23.22 19.37 31.88
N ASN B 84 -23.24 18.10 32.25
CA ASN B 84 -22.99 16.95 31.38
C ASN B 84 -21.59 16.72 30.94
N HIS B 85 -20.64 17.08 31.78
CA HIS B 85 -19.27 16.72 31.46
C HIS B 85 -18.65 17.68 30.43
N TYR B 86 -19.44 18.64 29.93
CA TYR B 86 -18.95 19.75 29.08
C TYR B 86 -18.21 20.74 29.93
N ASN B 87 -17.27 21.47 29.31
CA ASN B 87 -16.53 22.61 29.93
C ASN B 87 -16.66 23.78 29.04
N THR B 88 -16.50 24.96 29.64
CA THR B 88 -16.40 26.19 28.92
C THR B 88 -14.98 26.71 29.18
N TYR B 89 -14.50 27.56 28.30
CA TYR B 89 -13.16 28.14 28.43
C TYR B 89 -13.29 29.63 28.19
N ILE B 90 -12.98 30.42 29.22
CA ILE B 90 -13.09 31.88 29.17
C ILE B 90 -11.72 32.47 29.08
N SER B 91 -11.52 33.41 28.16
CA SER B 91 -10.21 34.07 27.95
C SER B 91 -9.87 34.68 29.32
N LYS B 92 -8.68 34.41 29.87
CA LYS B 92 -8.34 35.03 31.12
C LYS B 92 -8.14 36.54 30.91
N LYS B 93 -7.44 36.93 29.84
CA LYS B 93 -7.19 38.34 29.53
C LYS B 93 -8.51 39.09 29.36
N HIS B 94 -9.50 38.41 28.82
CA HIS B 94 -10.75 39.13 28.62
C HIS B 94 -11.86 38.49 29.44
N ALA B 95 -11.54 38.00 30.62
CA ALA B 95 -12.56 37.33 31.47
C ALA B 95 -13.68 38.23 31.84
N GLU B 96 -13.38 39.51 32.05
CA GLU B 96 -14.42 40.42 32.59
C GLU B 96 -15.49 40.63 31.51
N LYS B 97 -15.18 40.36 30.24
CA LYS B 97 -16.09 40.57 29.16
C LYS B 97 -16.79 39.27 28.78
N ASN B 98 -16.45 38.19 29.49
CA ASN B 98 -17.01 36.86 29.27
C ASN B 98 -16.80 36.28 27.86
N TRP B 99 -15.57 36.35 27.35
CA TRP B 99 -15.34 35.95 26.02
C TRP B 99 -14.97 34.51 26.12
N PHE B 100 -15.79 33.62 25.54
CA PHE B 100 -15.57 32.16 25.51
C PHE B 100 -14.85 31.67 24.23
N VAL B 101 -14.09 30.56 24.33
CA VAL B 101 -13.69 29.82 23.20
C VAL B 101 -15.02 29.24 22.62
N GLY B 102 -15.22 29.32 21.29
CA GLY B 102 -16.50 28.88 20.70
C GLY B 102 -16.33 28.63 19.23
N LEU B 103 -17.14 27.74 18.71
CA LEU B 103 -17.16 27.37 17.27
C LEU B 103 -18.61 27.47 16.78
N LYS B 104 -18.80 28.07 15.58
CA LYS B 104 -20.08 28.05 14.87
C LYS B 104 -20.53 26.59 14.44
N LYS B 105 -21.80 26.46 14.05
CA LYS B 105 -22.26 25.19 13.49
C LYS B 105 -21.52 24.76 12.22
N ASN B 106 -20.90 25.70 11.49
CA ASN B 106 -20.14 25.30 10.33
C ASN B 106 -18.68 24.98 10.60
N GLY B 107 -18.22 25.02 11.85
CA GLY B 107 -16.80 24.63 12.07
C GLY B 107 -15.93 25.88 12.31
N SER B 108 -16.47 27.07 12.05
CA SER B 108 -15.65 28.28 12.10
C SER B 108 -15.56 28.73 13.53
N CYS B 109 -14.49 29.44 13.87
CA CYS B 109 -14.41 29.98 15.20
C CYS B 109 -15.44 31.11 15.38
N LYS B 110 -16.15 31.09 16.50
CA LYS B 110 -17.11 32.12 16.87
C LYS B 110 -16.38 33.14 17.76
N ARG B 111 -16.16 34.39 17.31
CA ARG B 111 -15.41 35.45 18.07
C ARG B 111 -15.98 35.76 19.48
N GLY B 112 -15.10 36.17 20.40
CA GLY B 112 -15.41 36.31 21.82
C GLY B 112 -16.66 37.16 22.11
N PRO B 113 -16.75 38.35 21.50
CA PRO B 113 -17.95 39.22 21.75
C PRO B 113 -19.29 38.61 21.35
N ARG B 114 -19.26 37.65 20.44
CA ARG B 114 -20.46 37.00 19.98
C ARG B 114 -20.73 35.69 20.69
N THR B 115 -20.01 35.39 21.77
CA THR B 115 -20.24 34.20 22.57
C THR B 115 -21.01 34.64 23.78
N HIS B 116 -21.77 33.74 24.40
CA HIS B 116 -22.56 34.11 25.57
C HIS B 116 -22.87 32.80 26.26
N TYR B 117 -23.04 32.85 27.57
CA TYR B 117 -23.38 31.65 28.28
C TYR B 117 -24.72 31.20 27.75
N GLY B 118 -24.95 29.91 27.62
CA GLY B 118 -26.19 29.52 27.03
C GLY B 118 -26.10 28.91 25.63
N GLN B 119 -25.16 29.41 24.85
CA GLN B 119 -24.87 28.89 23.50
C GLN B 119 -24.22 27.53 23.51
N LYS B 120 -24.62 26.65 22.57
CA LYS B 120 -23.89 25.39 22.33
C LYS B 120 -22.48 25.64 21.82
N ALA B 121 -22.29 26.76 21.18
CA ALA B 121 -20.97 27.14 20.59
C ALA B 121 -19.74 27.04 21.56
N ILE B 122 -20.02 27.17 22.86
CA ILE B 122 -19.01 27.38 23.93
C ILE B 122 -18.82 26.06 24.72
N LEU B 123 -19.65 25.09 24.48
CA LEU B 123 -19.62 23.86 25.22
C LEU B 123 -18.68 22.89 24.62
N PHE B 124 -17.58 22.59 25.30
CA PHE B 124 -16.66 21.54 24.80
C PHE B 124 -16.53 20.29 25.73
N LEU B 125 -16.75 19.12 25.12
CA LEU B 125 -16.64 17.84 25.82
C LEU B 125 -15.21 17.32 25.68
N PRO B 126 -14.47 17.18 26.82
CA PRO B 126 -13.15 16.71 26.74
C PRO B 126 -13.09 15.19 26.55
N LEU B 127 -12.31 14.73 25.58
CA LEU B 127 -12.32 13.34 25.23
C LEU B 127 -10.92 12.76 25.19
N PRO B 128 -10.52 12.02 26.24
CA PRO B 128 -9.11 11.66 26.32
C PRO B 128 -8.82 10.65 25.20
N VAL B 129 -7.66 10.74 24.55
CA VAL B 129 -7.31 9.69 23.58
C VAL B 129 -6.54 8.59 24.35
N SER B 130 -6.77 7.34 23.93
CA SER B 130 -6.30 6.08 24.58
C SER B 130 -6.33 5.98 26.15
N LYS C 1 11.13 23.95 41.03
CA LYS C 1 12.45 24.65 41.02
C LYS C 1 12.39 26.05 40.38
N LYS C 2 13.47 26.79 40.57
CA LYS C 2 13.70 28.07 39.88
C LYS C 2 14.14 27.85 38.41
N PRO C 3 13.71 28.73 37.49
CA PRO C 3 14.41 28.82 36.20
C PRO C 3 15.94 28.94 36.42
N LYS C 4 16.73 28.69 35.39
CA LYS C 4 18.19 28.66 35.54
C LYS C 4 18.83 29.15 34.26
N LEU C 5 20.06 29.58 34.33
CA LEU C 5 20.91 29.85 33.18
C LEU C 5 21.87 28.70 33.19
N LEU C 6 22.42 28.36 32.04
CA LEU C 6 23.35 27.24 31.92
C LEU C 6 24.49 27.85 31.22
N TYR C 7 25.54 28.07 32.00
CA TYR C 7 26.77 28.75 31.52
C TYR C 7 27.82 27.78 31.09
N CYS C 8 28.26 27.88 29.84
CA CYS C 8 29.30 27.03 29.31
C CYS C 8 30.68 27.70 29.48
N SER C 9 31.59 26.97 30.09
CA SER C 9 32.86 27.54 30.46
C SER C 9 33.77 27.52 29.24
N ASN C 10 33.46 26.71 28.25
CA ASN C 10 34.25 26.73 27.03
C ASN C 10 34.46 28.13 26.48
N GLY C 11 33.37 28.89 26.32
CA GLY C 11 33.46 30.18 25.72
C GLY C 11 32.88 31.24 26.59
N GLY C 12 32.27 30.85 27.69
CA GLY C 12 31.62 31.79 28.59
C GLY C 12 30.29 32.22 28.03
N HIS C 13 29.50 31.29 27.49
CA HIS C 13 28.20 31.63 26.89
C HIS C 13 27.10 31.00 27.71
N PHE C 14 25.98 31.67 27.81
CA PHE C 14 24.75 31.05 28.27
C PHE C 14 24.04 30.31 27.13
N LEU C 15 23.67 29.03 27.35
CA LEU C 15 22.90 28.29 26.31
C LEU C 15 21.55 28.98 26.01
N ARG C 16 21.25 29.05 24.71
CA ARG C 16 20.12 29.82 24.21
C ARG C 16 19.43 29.00 23.18
N ILE C 17 18.11 28.99 23.28
CA ILE C 17 17.28 28.29 22.32
C ILE C 17 16.58 29.45 21.54
N LEU C 18 16.98 29.63 20.30
CA LEU C 18 16.37 30.69 19.49
C LEU C 18 14.90 30.32 18.99
N PRO C 19 14.09 31.35 18.64
CA PRO C 19 12.77 31.01 18.17
C PRO C 19 12.66 30.09 17.00
N ASP C 20 13.62 30.10 16.09
CA ASP C 20 13.61 29.25 14.93
C ASP C 20 14.09 27.83 15.15
N GLY C 21 14.29 27.48 16.43
CA GLY C 21 14.83 26.15 16.77
C GLY C 21 16.35 25.94 16.63
N THR C 22 17.07 26.97 16.29
CA THR C 22 18.52 26.95 16.41
C THR C 22 18.95 26.90 17.92
N VAL C 23 20.04 26.22 18.22
CA VAL C 23 20.58 26.25 19.61
C VAL C 23 22.00 26.85 19.54
N ASP C 24 22.30 27.85 20.34
CA ASP C 24 23.65 28.44 20.40
C ASP C 24 23.90 28.98 21.85
N GLY C 25 24.90 29.84 22.03
CA GLY C 25 25.10 30.50 23.29
C GLY C 25 25.30 31.98 23.12
N THR C 26 24.88 32.78 24.09
CA THR C 26 25.16 34.22 24.05
C THR C 26 25.81 34.73 25.39
N ARG C 27 26.57 35.83 25.36
CA ARG C 27 27.02 36.49 26.60
C ARG C 27 26.04 37.56 27.11
N ASP C 28 25.06 37.91 26.30
CA ASP C 28 24.01 38.82 26.77
C ASP C 28 23.13 38.14 27.81
N ARG C 29 23.41 38.47 29.07
CA ARG C 29 22.71 37.89 30.21
C ARG C 29 21.28 38.45 30.23
N SER C 30 21.03 39.48 29.41
CA SER C 30 19.69 40.05 29.33
C SER C 30 18.87 39.41 28.20
N ASP C 31 19.48 38.50 27.45
CA ASP C 31 18.75 37.74 26.38
C ASP C 31 17.53 37.04 26.92
N GLN C 32 16.41 37.13 26.21
CA GLN C 32 15.18 36.54 26.83
C GLN C 32 15.11 35.02 26.65
N HIS C 33 16.01 34.50 25.87
CA HIS C 33 15.91 33.15 25.47
C HIS C 33 16.87 32.24 26.23
N ILE C 34 17.42 32.71 27.35
CA ILE C 34 18.48 31.93 28.02
C ILE C 34 18.00 31.46 29.36
N GLN C 35 16.81 31.90 29.75
CA GLN C 35 16.13 31.47 30.95
C GLN C 35 15.52 30.06 30.73
N LEU C 36 15.99 29.07 31.46
CA LEU C 36 15.64 27.71 31.12
C LEU C 36 15.03 27.08 32.36
N GLN C 37 14.00 26.26 32.19
CA GLN C 37 13.39 25.60 33.29
C GLN C 37 13.82 24.14 33.15
N LEU C 38 14.54 23.59 34.13
CA LEU C 38 14.83 22.19 34.11
C LEU C 38 13.80 21.45 34.90
N SER C 39 13.35 20.30 34.41
CA SER C 39 12.46 19.50 35.22
C SER C 39 12.93 18.10 35.04
N ALA C 40 12.66 17.23 36.02
CA ALA C 40 13.25 15.91 36.03
C ALA C 40 12.17 14.89 35.87
N GLU C 41 12.32 13.94 34.94
CA GLU C 41 11.52 12.71 34.98
C GLU C 41 11.95 11.81 36.14
N SER C 42 12.96 10.98 35.91
CA SER C 42 13.64 10.26 37.01
C SER C 42 14.81 11.12 37.51
N VAL C 43 15.37 10.81 38.67
CA VAL C 43 16.55 11.53 39.20
C VAL C 43 17.73 11.48 38.17
N GLY C 44 18.33 12.62 37.92
CA GLY C 44 19.38 12.75 36.93
C GLY C 44 18.99 12.77 35.47
N GLU C 45 17.69 12.62 35.17
CA GLU C 45 17.15 12.81 33.80
C GLU C 45 16.36 14.10 33.80
N VAL C 46 16.57 14.95 32.78
CA VAL C 46 15.95 16.30 32.74
C VAL C 46 15.40 16.65 31.35
N TYR C 47 14.39 17.52 31.35
CA TYR C 47 14.01 18.31 30.21
C TYR C 47 14.53 19.68 30.42
N ILE C 48 14.99 20.29 29.37
CA ILE C 48 15.52 21.64 29.44
C ILE C 48 14.60 22.52 28.53
N LYS C 49 13.83 23.42 29.13
CA LYS C 49 12.83 24.20 28.44
C LYS C 49 13.09 25.71 28.52
N SER C 50 13.07 26.37 27.35
CA SER C 50 13.01 27.88 27.20
C SER C 50 11.75 28.38 27.88
N THR C 51 11.89 29.26 28.88
CA THR C 51 10.67 29.79 29.48
C THR C 51 10.01 30.80 28.50
N GLU C 52 10.80 31.42 27.63
CA GLU C 52 10.27 32.40 26.69
C GLU C 52 9.38 31.79 25.62
N THR C 53 9.83 30.68 25.05
CA THR C 53 9.17 30.07 23.91
C THR C 53 8.51 28.73 24.18
N GLY C 54 8.64 28.18 25.39
CA GLY C 54 8.19 26.81 25.66
C GLY C 54 8.88 25.67 24.86
N GLN C 55 9.94 26.01 24.12
CA GLN C 55 10.66 25.03 23.36
C GLN C 55 11.55 24.19 24.29
N TYR C 56 11.78 22.93 23.90
CA TYR C 56 12.63 22.02 24.67
C TYR C 56 13.88 21.86 23.91
N LEU C 57 15.03 21.96 24.59
CA LEU C 57 16.31 21.42 24.01
C LEU C 57 16.19 19.96 23.54
N ALA C 58 16.77 19.60 22.41
CA ALA C 58 16.69 18.25 21.86
C ALA C 58 17.86 18.04 20.97
N MET C 59 18.09 16.78 20.67
CA MET C 59 19.18 16.38 19.85
C MET C 59 18.68 15.32 18.83
N ASP C 60 18.85 15.56 17.54
CA ASP C 60 18.24 14.61 16.57
C ASP C 60 19.15 13.37 16.41
N THR C 61 18.72 12.46 15.51
CA THR C 61 19.33 11.17 15.26
C THR C 61 20.72 11.27 14.64
N ASP C 62 21.13 12.47 14.20
CA ASP C 62 22.55 12.73 13.81
C ASP C 62 23.43 13.56 14.73
N GLY C 63 22.92 13.91 15.93
CA GLY C 63 23.75 14.61 16.88
C GLY C 63 23.50 16.09 16.87
N LEU C 64 22.53 16.57 16.09
CA LEU C 64 22.28 18.02 16.05
C LEU C 64 21.28 18.49 17.08
N LEU C 65 21.65 19.60 17.72
CA LEU C 65 20.85 20.24 18.70
C LEU C 65 19.82 21.08 18.05
N TYR C 66 18.61 20.98 18.56
CA TYR C 66 17.56 21.83 18.05
C TYR C 66 16.61 22.21 19.22
N GLY C 67 15.82 23.26 18.98
CA GLY C 67 14.57 23.61 19.74
C GLY C 67 13.40 22.76 19.26
N SER C 68 12.87 21.91 20.13
CA SER C 68 11.66 21.10 19.89
C SER C 68 10.46 21.80 20.46
N GLN C 69 9.42 22.01 19.65
CA GLN C 69 8.20 22.65 20.14
C GLN C 69 7.38 21.77 21.03
N THR C 70 7.64 20.48 21.01
CA THR C 70 7.02 19.56 21.93
C THR C 70 8.03 18.64 22.60
N PRO C 71 7.69 18.15 23.78
CA PRO C 71 8.57 17.16 24.48
C PRO C 71 8.43 15.76 23.87
N ASN C 72 9.55 15.07 23.70
CA ASN C 72 9.54 13.72 23.21
C ASN C 72 10.83 13.20 23.76
N GLU C 73 11.14 11.93 23.43
CA GLU C 73 12.32 11.24 23.90
C GLU C 73 13.69 11.83 23.47
N GLU C 74 13.72 12.64 22.39
CA GLU C 74 14.95 13.32 21.98
C GLU C 74 15.18 14.56 22.84
N CYS C 75 14.30 14.80 23.78
CA CYS C 75 14.44 16.00 24.63
C CYS C 75 15.00 15.65 26.00
N LEU C 76 15.19 14.37 26.24
CA LEU C 76 15.61 13.82 27.56
C LEU C 76 17.16 13.69 27.64
N PHE C 77 17.76 14.37 28.65
CA PHE C 77 19.18 14.41 28.81
C PHE C 77 19.51 13.82 30.18
N LEU C 78 20.62 13.14 30.23
CA LEU C 78 21.16 12.70 31.56
C LEU C 78 22.06 13.73 32.12
N GLU C 79 21.61 14.31 33.24
CA GLU C 79 22.37 15.35 33.87
C GLU C 79 23.42 14.77 34.84
N ARG C 80 24.72 15.05 34.64
CA ARG C 80 25.67 14.34 35.45
C ARG C 80 26.59 15.39 36.02
N LEU C 81 26.68 15.43 37.33
CA LEU C 81 27.66 16.32 37.98
C LEU C 81 29.11 16.02 37.71
N GLU C 82 29.87 17.05 37.44
CA GLU C 82 31.20 16.81 37.04
C GLU C 82 32.10 17.11 38.27
N GLU C 83 33.24 16.38 38.39
CA GLU C 83 34.30 16.65 39.42
C GLU C 83 34.73 18.14 39.29
N ASN C 84 33.72 18.95 38.94
CA ASN C 84 33.80 20.34 38.55
C ASN C 84 32.83 21.15 39.39
N HIS C 85 31.64 20.59 39.60
CA HIS C 85 30.38 21.36 39.95
C HIS C 85 29.51 21.99 38.81
N TYR C 86 30.08 21.82 37.63
CA TYR C 86 29.42 21.98 36.39
C TYR C 86 28.73 20.64 36.10
N ASN C 87 27.69 20.68 35.28
CA ASN C 87 27.06 19.46 34.86
C ASN C 87 27.42 19.12 33.39
N THR C 88 27.40 17.85 33.02
CA THR C 88 27.32 17.48 31.60
C THR C 88 25.89 17.03 31.34
N TYR C 89 25.46 17.11 30.08
CA TYR C 89 24.09 16.82 29.68
C TYR C 89 24.24 15.89 28.48
N ILE C 90 24.00 14.61 28.73
CA ILE C 90 24.18 13.72 27.61
C ILE C 90 22.82 13.34 27.05
N SER C 91 22.72 13.21 25.74
CA SER C 91 21.50 12.67 25.12
C SER C 91 21.14 11.33 25.74
N LYS C 92 19.92 11.19 26.27
CA LYS C 92 19.45 9.95 26.74
C LYS C 92 19.23 8.94 25.58
N LYS C 93 18.60 9.43 24.51
CA LYS C 93 18.39 8.59 23.37
C LYS C 93 19.71 8.06 22.83
N HIS C 94 20.74 8.89 22.74
CA HIS C 94 21.99 8.48 22.15
C HIS C 94 23.08 8.37 23.21
N ALA C 95 22.69 8.02 24.42
CA ALA C 95 23.66 7.88 25.54
C ALA C 95 24.75 6.86 25.25
N GLU C 96 24.39 5.74 24.61
CA GLU C 96 25.40 4.76 24.26
C GLU C 96 26.44 5.22 23.23
N LYS C 97 26.21 6.36 22.56
CA LYS C 97 27.23 6.93 21.66
C LYS C 97 27.92 8.16 22.27
N ASN C 98 27.63 8.44 23.54
CA ASN C 98 28.05 9.62 24.31
C ASN C 98 27.98 10.96 23.59
N TRP C 99 26.76 11.32 23.25
CA TRP C 99 26.47 12.56 22.52
C TRP C 99 26.05 13.55 23.59
N PHE C 100 26.88 14.53 23.81
CA PHE C 100 26.60 15.58 24.80
C PHE C 100 26.12 16.90 24.22
N VAL C 101 25.34 17.66 24.98
CA VAL C 101 25.12 19.07 24.71
C VAL C 101 26.50 19.68 24.80
N GLY C 102 26.94 20.44 23.78
CA GLY C 102 28.22 21.21 23.87
C GLY C 102 28.20 22.50 23.11
N LEU C 103 28.75 23.58 23.65
CA LEU C 103 28.89 24.82 22.87
C LEU C 103 30.38 25.02 22.51
N LYS C 104 30.64 25.50 21.29
CA LYS C 104 32.00 25.80 20.86
C LYS C 104 32.43 27.12 21.47
N LYS C 105 33.73 27.39 21.41
CA LYS C 105 34.28 28.59 21.99
C LYS C 105 33.69 29.82 21.36
N ASN C 106 33.19 29.64 20.15
CA ASN C 106 32.53 30.77 19.44
C ASN C 106 31.01 30.88 19.67
N GLY C 107 30.48 30.03 20.57
CA GLY C 107 29.06 30.06 20.95
C GLY C 107 28.13 29.23 20.08
N SER C 108 28.70 28.59 19.07
CA SER C 108 27.96 27.70 18.20
C SER C 108 27.84 26.34 18.83
N CYS C 109 26.67 25.72 18.72
CA CYS C 109 26.49 24.39 19.29
C CYS C 109 27.44 23.40 18.64
N LYS C 110 27.78 22.33 19.33
CA LYS C 110 28.52 21.20 18.76
C LYS C 110 27.58 20.09 18.35
N ARG C 111 28.01 19.29 17.40
CA ARG C 111 27.25 18.07 17.06
C ARG C 111 27.72 17.00 18.03
N GLY C 112 26.79 16.15 18.49
CA GLY C 112 27.08 15.03 19.39
C GLY C 112 28.30 14.18 19.07
N PRO C 113 28.46 13.77 17.82
CA PRO C 113 29.66 12.95 17.52
C PRO C 113 30.96 13.74 17.57
N ARG C 114 30.90 15.06 17.60
CA ARG C 114 32.08 15.88 17.87
C ARG C 114 32.27 16.21 19.35
N THR C 115 31.29 15.87 20.20
CA THR C 115 31.52 16.02 21.62
C THR C 115 32.12 14.71 22.15
N HIS C 116 32.91 14.86 23.20
CA HIS C 116 33.42 13.76 24.03
C HIS C 116 33.76 14.17 25.50
N TYR C 117 33.70 13.18 26.41
CA TYR C 117 34.30 13.28 27.77
C TYR C 117 35.63 14.03 27.78
N GLY C 118 35.75 15.01 28.65
CA GLY C 118 36.99 15.71 28.73
C GLY C 118 36.89 17.13 28.27
N GLN C 119 36.04 17.38 27.28
CA GLN C 119 35.97 18.68 26.64
C GLN C 119 35.27 19.66 27.55
N LYS C 120 35.79 20.89 27.54
CA LYS C 120 35.24 21.99 28.22
C LYS C 120 33.86 22.40 27.58
N ALA C 121 33.74 22.16 26.26
CA ALA C 121 32.47 22.28 25.46
C ALA C 121 31.17 21.66 26.11
N ILE C 122 31.36 20.62 26.89
CA ILE C 122 30.29 19.84 27.45
C ILE C 122 29.94 20.22 28.91
N LEU C 123 30.55 21.29 29.44
CA LEU C 123 30.37 21.62 30.88
C LEU C 123 29.58 22.85 31.12
N PHE C 124 28.49 22.77 31.88
CA PHE C 124 27.58 23.90 32.04
C PHE C 124 27.40 24.09 33.50
N LEU C 125 27.50 25.31 33.95
CA LEU C 125 27.23 25.64 35.33
C LEU C 125 25.82 26.13 35.42
N PRO C 126 24.97 25.37 36.11
CA PRO C 126 23.58 25.78 36.34
C PRO C 126 23.53 26.99 37.33
N LEU C 127 22.66 27.97 37.04
CA LEU C 127 22.65 29.24 37.75
C LEU C 127 21.26 29.67 38.06
N PRO C 128 20.78 29.38 39.28
CA PRO C 128 19.36 29.65 39.53
C PRO C 128 19.12 31.12 39.56
N VAL C 129 18.18 31.58 38.73
CA VAL C 129 17.76 32.98 38.62
C VAL C 129 16.83 33.36 39.76
N SER C 130 17.03 34.57 40.31
CA SER C 130 16.20 35.25 41.37
C SER C 130 16.49 34.78 42.79
N LYS D 1 -23.29 -22.52 -15.93
CA LYS D 1 -21.98 -21.88 -16.33
C LYS D 1 -22.25 -20.59 -17.11
N LYS D 2 -22.10 -19.42 -16.44
CA LYS D 2 -22.11 -18.09 -17.13
C LYS D 2 -21.45 -18.12 -18.55
N PRO D 3 -21.68 -17.09 -19.40
CA PRO D 3 -20.96 -17.11 -20.68
C PRO D 3 -19.44 -17.09 -20.50
N LYS D 4 -18.75 -17.72 -21.43
CA LYS D 4 -17.30 -17.71 -21.36
C LYS D 4 -16.78 -17.16 -22.66
N LEU D 5 -15.55 -16.66 -22.68
CA LEU D 5 -14.77 -16.51 -23.88
C LEU D 5 -13.84 -17.73 -23.97
N LEU D 6 -13.29 -18.05 -25.16
CA LEU D 6 -12.31 -19.17 -25.33
C LEU D 6 -11.10 -18.65 -25.99
N TYR D 7 -10.01 -18.55 -25.24
CA TYR D 7 -8.85 -17.87 -25.73
C TYR D 7 -7.76 -18.93 -26.08
N CYS D 8 -7.28 -18.83 -27.32
CA CYS D 8 -6.33 -19.68 -27.90
C CYS D 8 -4.95 -19.00 -27.74
N SER D 9 -4.08 -19.58 -26.92
CA SER D 9 -2.74 -19.01 -26.71
C SER D 9 -1.87 -19.14 -27.96
N ASN D 10 -2.31 -19.90 -28.96
CA ASN D 10 -1.50 -20.08 -30.14
C ASN D 10 -1.18 -18.76 -30.73
N GLY D 11 -2.17 -18.10 -31.33
CA GLY D 11 -1.98 -16.74 -31.76
C GLY D 11 -2.63 -15.70 -30.86
N GLY D 12 -3.23 -16.05 -29.72
CA GLY D 12 -3.92 -15.06 -28.89
C GLY D 12 -5.31 -14.62 -29.33
N HIS D 13 -6.08 -15.56 -29.88
CA HIS D 13 -7.41 -15.20 -30.38
C HIS D 13 -8.48 -15.81 -29.50
N PHE D 14 -9.62 -15.10 -29.39
CA PHE D 14 -10.87 -15.63 -28.88
C PHE D 14 -11.60 -16.34 -30.02
N LEU D 15 -12.03 -17.58 -29.77
CA LEU D 15 -12.76 -18.36 -30.80
C LEU D 15 -14.06 -17.56 -31.12
N ARG D 16 -14.41 -17.46 -32.39
CA ARG D 16 -15.58 -16.67 -32.82
C ARG D 16 -16.35 -17.42 -33.84
N ILE D 17 -17.69 -17.34 -33.74
CA ILE D 17 -18.57 -17.93 -34.72
C ILE D 17 -19.33 -16.76 -35.38
N LEU D 18 -18.92 -16.45 -36.59
CA LEU D 18 -19.48 -15.33 -37.37
C LEU D 18 -20.96 -15.64 -37.81
N PRO D 19 -21.80 -14.58 -38.03
CA PRO D 19 -23.19 -14.85 -38.46
C PRO D 19 -23.33 -15.79 -39.67
N ASP D 20 -22.44 -15.71 -40.68
CA ASP D 20 -22.52 -16.55 -41.89
C ASP D 20 -22.09 -17.97 -41.68
N GLY D 21 -21.73 -18.28 -40.44
CA GLY D 21 -21.34 -19.64 -39.97
C GLY D 21 -19.87 -20.02 -40.15
N THR D 22 -19.06 -19.11 -40.64
CA THR D 22 -17.60 -19.16 -40.47
C THR D 22 -17.12 -19.16 -39.01
N VAL D 23 -16.09 -19.91 -38.73
CA VAL D 23 -15.44 -19.97 -37.37
C VAL D 23 -13.97 -19.62 -37.60
N ASP D 24 -13.45 -18.70 -36.80
CA ASP D 24 -12.08 -18.26 -36.95
C ASP D 24 -11.80 -17.68 -35.56
N GLY D 25 -10.73 -16.93 -35.43
CA GLY D 25 -10.61 -16.26 -34.16
C GLY D 25 -10.35 -14.80 -34.33
N THR D 26 -10.61 -14.07 -33.26
CA THR D 26 -10.32 -12.64 -33.27
C THR D 26 -9.57 -12.18 -32.00
N ARG D 27 -8.63 -11.25 -32.15
CA ARG D 27 -8.04 -10.57 -30.94
C ARG D 27 -8.94 -9.48 -30.28
N ASP D 28 -9.96 -8.99 -31.00
CA ASP D 28 -10.86 -7.95 -30.50
C ASP D 28 -11.84 -8.54 -29.47
N ARG D 29 -11.50 -8.35 -28.19
CA ARG D 29 -12.39 -8.73 -27.07
C ARG D 29 -13.74 -7.96 -27.15
N SER D 30 -13.79 -6.97 -28.03
CA SER D 30 -15.06 -6.20 -28.23
C SER D 30 -16.06 -6.88 -29.17
N ASP D 31 -15.55 -7.79 -30.02
CA ASP D 31 -16.43 -8.60 -30.91
C ASP D 31 -17.66 -9.24 -30.25
N GLN D 32 -18.88 -8.98 -30.76
CA GLN D 32 -20.09 -9.64 -30.21
C GLN D 32 -20.12 -11.15 -30.45
N HIS D 33 -19.29 -11.64 -31.37
CA HIS D 33 -19.45 -13.05 -31.73
C HIS D 33 -18.50 -14.04 -31.01
N ILE D 34 -17.80 -13.55 -29.96
CA ILE D 34 -16.82 -14.37 -29.12
C ILE D 34 -17.38 -14.87 -27.76
N GLN D 35 -18.54 -14.33 -27.42
CA GLN D 35 -19.33 -14.75 -26.25
C GLN D 35 -20.06 -16.07 -26.42
N LEU D 36 -19.69 -17.08 -25.66
CA LEU D 36 -20.14 -18.45 -25.88
C LEU D 36 -20.62 -19.10 -24.65
N GLN D 37 -21.72 -19.79 -24.77
CA GLN D 37 -22.33 -20.39 -23.64
C GLN D 37 -21.98 -21.84 -23.82
N LEU D 38 -21.30 -22.41 -22.81
CA LEU D 38 -21.04 -23.82 -22.83
C LEU D 38 -22.08 -24.59 -22.03
N SER D 39 -22.57 -25.72 -22.51
CA SER D 39 -23.52 -26.49 -21.72
C SER D 39 -23.12 -27.94 -21.79
N ALA D 40 -23.32 -28.62 -20.69
CA ALA D 40 -22.81 -29.95 -20.59
C ALA D 40 -23.91 -30.93 -20.80
N GLU D 41 -23.80 -31.73 -21.88
CA GLU D 41 -24.55 -32.94 -22.05
C GLU D 41 -24.23 -33.84 -20.83
N SER D 42 -23.52 -34.94 -20.99
CA SER D 42 -22.88 -35.68 -19.88
C SER D 42 -21.58 -34.99 -19.42
N VAL D 43 -20.95 -35.50 -18.37
CA VAL D 43 -19.82 -34.77 -17.70
C VAL D 43 -18.69 -34.15 -18.62
N GLY D 44 -17.93 -34.95 -19.28
CA GLY D 44 -16.89 -34.26 -20.07
C GLY D 44 -17.30 -33.88 -21.51
N GLU D 45 -18.60 -33.68 -21.77
CA GLU D 45 -19.23 -33.40 -23.08
C GLU D 45 -19.91 -32.07 -23.10
N VAL D 46 -19.56 -31.20 -24.05
CA VAL D 46 -20.15 -29.89 -24.11
C VAL D 46 -20.76 -29.49 -25.48
N TYR D 47 -21.75 -28.59 -25.42
CA TYR D 47 -22.09 -27.74 -26.54
C TYR D 47 -21.42 -26.46 -26.40
N ILE D 48 -21.04 -25.86 -27.51
CA ILE D 48 -20.47 -24.51 -27.49
C ILE D 48 -21.36 -23.56 -28.38
N LYS D 49 -22.00 -22.60 -27.77
CA LYS D 49 -23.03 -21.78 -28.41
C LYS D 49 -22.73 -20.32 -28.37
N SER D 50 -22.79 -19.68 -29.54
CA SER D 50 -22.71 -18.24 -29.65
C SER D 50 -23.97 -17.58 -29.02
N THR D 51 -23.77 -16.63 -28.13
CA THR D 51 -24.94 -16.03 -27.53
C THR D 51 -25.47 -14.88 -28.43
N GLU D 52 -24.69 -14.37 -29.37
CA GLU D 52 -25.11 -13.31 -30.25
C GLU D 52 -26.08 -13.83 -31.31
N THR D 53 -25.84 -15.03 -31.85
CA THR D 53 -26.61 -15.55 -32.97
C THR D 53 -27.33 -16.85 -32.66
N GLY D 54 -27.06 -17.44 -31.49
CA GLY D 54 -27.57 -18.76 -31.11
C GLY D 54 -26.97 -19.92 -31.90
N GLN D 55 -25.91 -19.69 -32.68
CA GLN D 55 -25.31 -20.86 -33.36
C GLN D 55 -24.44 -21.74 -32.45
N TYR D 56 -24.32 -23.01 -32.85
CA TYR D 56 -23.53 -23.99 -32.13
C TYR D 56 -22.26 -24.26 -32.90
N LEU D 57 -21.08 -24.20 -32.28
CA LEU D 57 -19.88 -24.77 -32.91
C LEU D 57 -20.10 -26.25 -33.34
N ALA D 58 -19.55 -26.62 -34.49
CA ALA D 58 -19.80 -27.94 -35.05
C ALA D 58 -18.68 -28.33 -35.96
N MET D 59 -18.46 -29.61 -36.18
CA MET D 59 -17.37 -29.87 -37.06
C MET D 59 -18.00 -30.86 -38.10
N ASP D 60 -17.73 -30.69 -39.37
CA ASP D 60 -18.42 -31.55 -40.34
C ASP D 60 -17.66 -32.85 -40.58
N THR D 61 -18.17 -33.71 -41.48
CA THR D 61 -17.51 -34.98 -41.76
C THR D 61 -16.17 -34.86 -42.46
N ASP D 62 -15.78 -33.71 -43.03
CA ASP D 62 -14.36 -33.64 -43.46
C ASP D 62 -13.49 -32.86 -42.45
N GLY D 63 -14.01 -32.55 -41.24
CA GLY D 63 -13.13 -31.95 -40.25
C GLY D 63 -13.24 -30.46 -40.24
N LEU D 64 -14.12 -29.91 -41.01
CA LEU D 64 -14.24 -28.49 -41.06
C LEU D 64 -15.15 -27.96 -39.97
N LEU D 65 -14.67 -26.92 -39.28
CA LEU D 65 -15.53 -26.10 -38.34
C LEU D 65 -16.59 -25.25 -39.02
N TYR D 66 -17.74 -25.19 -38.38
CA TYR D 66 -18.80 -24.34 -38.90
C TYR D 66 -19.76 -24.00 -37.79
N GLY D 67 -20.57 -22.95 -37.98
CA GLY D 67 -21.58 -22.60 -37.01
C GLY D 67 -22.93 -23.24 -37.43
N SER D 68 -23.51 -24.04 -36.55
CA SER D 68 -24.76 -24.76 -36.83
C SER D 68 -25.92 -24.01 -36.23
N GLN D 69 -26.99 -23.78 -37.02
CA GLN D 69 -28.09 -23.03 -36.54
C GLN D 69 -28.84 -23.78 -35.51
N THR D 70 -28.73 -25.09 -35.52
CA THR D 70 -29.36 -25.95 -34.52
C THR D 70 -28.38 -27.01 -34.01
N PRO D 71 -28.58 -27.51 -32.77
CA PRO D 71 -27.68 -28.50 -32.16
C PRO D 71 -27.91 -29.85 -32.75
N ASN D 72 -26.85 -30.62 -32.92
CA ASN D 72 -27.04 -31.94 -33.41
C ASN D 72 -25.77 -32.64 -32.98
N GLU D 73 -25.60 -33.92 -33.40
CA GLU D 73 -24.48 -34.75 -32.96
C GLU D 73 -23.09 -34.24 -33.33
N GLU D 74 -23.04 -33.35 -34.34
CA GLU D 74 -21.76 -32.73 -34.81
C GLU D 74 -21.39 -31.54 -33.96
N CYS D 75 -22.19 -31.25 -32.98
CA CYS D 75 -21.95 -30.03 -32.16
C CYS D 75 -21.45 -30.41 -30.76
N LEU D 76 -21.39 -31.69 -30.46
CA LEU D 76 -20.84 -32.18 -29.19
C LEU D 76 -19.31 -32.39 -29.19
N PHE D 77 -18.63 -31.70 -28.27
CA PHE D 77 -17.16 -31.84 -28.11
C PHE D 77 -16.80 -32.47 -26.76
N LEU D 78 -15.67 -33.20 -26.67
CA LEU D 78 -15.24 -33.68 -25.38
C LEU D 78 -14.32 -32.64 -24.87
N GLU D 79 -14.66 -32.02 -23.74
CA GLU D 79 -13.85 -30.96 -23.15
C GLU D 79 -12.84 -31.60 -22.20
N ARG D 80 -11.52 -31.38 -22.42
CA ARG D 80 -10.52 -32.05 -21.55
C ARG D 80 -9.53 -31.02 -21.01
N LEU D 81 -9.34 -31.02 -19.69
CA LEU D 81 -8.46 -30.08 -19.06
C LEU D 81 -7.03 -30.49 -19.32
N GLU D 82 -6.21 -29.59 -19.79
CA GLU D 82 -4.84 -29.97 -20.10
C GLU D 82 -3.87 -29.53 -18.99
N GLU D 83 -2.67 -30.13 -18.99
CA GLU D 83 -1.67 -29.95 -17.91
C GLU D 83 -1.45 -28.47 -17.71
N ASN D 84 -2.04 -27.71 -18.63
CA ASN D 84 -2.11 -26.24 -18.70
C ASN D 84 -3.02 -25.50 -17.74
N HIS D 85 -4.22 -26.05 -17.52
CA HIS D 85 -5.50 -25.28 -17.19
C HIS D 85 -6.27 -24.65 -18.40
N TYR D 86 -5.62 -24.74 -19.54
CA TYR D 86 -6.29 -24.70 -20.81
C TYR D 86 -7.07 -26.01 -21.01
N ASN D 87 -8.13 -25.91 -21.80
CA ASN D 87 -8.91 -27.02 -22.26
C ASN D 87 -8.62 -27.32 -23.75
N THR D 88 -8.78 -28.59 -24.12
CA THR D 88 -8.89 -29.01 -25.54
C THR D 88 -10.32 -29.45 -25.73
N TYR D 89 -10.79 -29.30 -26.98
CA TYR D 89 -12.19 -29.59 -27.35
C TYR D 89 -12.11 -30.57 -28.50
N ILE D 90 -12.43 -31.84 -28.30
CA ILE D 90 -12.30 -32.81 -29.38
C ILE D 90 -13.65 -33.16 -29.93
N SER D 91 -13.79 -33.18 -31.26
CA SER D 91 -15.08 -33.65 -31.80
C SER D 91 -15.43 -35.02 -31.21
N LYS D 92 -16.67 -35.20 -30.71
CA LYS D 92 -17.05 -36.51 -30.18
C LYS D 92 -17.36 -37.48 -31.31
N LYS D 93 -18.10 -36.99 -32.28
CA LYS D 93 -18.51 -37.79 -33.39
C LYS D 93 -17.28 -38.29 -34.13
N HIS D 94 -16.18 -37.53 -34.05
CA HIS D 94 -14.90 -37.82 -34.75
C HIS D 94 -13.73 -37.99 -33.85
N ALA D 95 -13.98 -38.50 -32.65
CA ALA D 95 -12.90 -38.63 -31.61
C ALA D 95 -11.79 -39.55 -31.98
N GLU D 96 -12.13 -40.63 -32.69
CA GLU D 96 -11.22 -41.71 -33.06
C GLU D 96 -10.14 -41.23 -34.00
N LYS D 97 -10.51 -40.17 -34.72
CA LYS D 97 -9.69 -39.54 -35.76
C LYS D 97 -8.88 -38.35 -35.18
N ASN D 98 -9.13 -38.05 -33.91
CA ASN D 98 -8.33 -37.09 -33.14
C ASN D 98 -8.51 -35.68 -33.70
N TRP D 99 -9.74 -35.36 -34.03
CA TRP D 99 -10.03 -34.08 -34.65
C TRP D 99 -10.40 -33.09 -33.57
N PHE D 100 -9.56 -32.11 -33.37
CA PHE D 100 -9.74 -31.07 -32.37
C PHE D 100 -10.28 -29.71 -32.92
N VAL D 101 -10.91 -28.93 -32.06
CA VAL D 101 -11.15 -27.50 -32.38
C VAL D 101 -9.76 -26.89 -32.31
N GLY D 102 -9.36 -26.13 -33.33
CA GLY D 102 -8.09 -25.43 -33.37
C GLY D 102 -8.03 -24.16 -34.15
N LEU D 103 -7.16 -23.26 -33.76
CA LEU D 103 -6.99 -21.99 -34.43
C LEU D 103 -5.54 -21.83 -34.85
N LYS D 104 -5.28 -21.50 -36.10
CA LYS D 104 -3.91 -21.14 -36.54
C LYS D 104 -3.43 -19.81 -35.91
N LYS D 105 -2.14 -19.49 -36.07
CA LYS D 105 -1.54 -18.32 -35.41
C LYS D 105 -2.03 -17.02 -36.07
N ASN D 106 -2.39 -17.12 -37.32
CA ASN D 106 -3.04 -16.05 -38.03
C ASN D 106 -4.60 -15.94 -37.74
N GLY D 107 -5.13 -16.70 -36.78
CA GLY D 107 -6.55 -16.66 -36.45
C GLY D 107 -7.56 -17.43 -37.32
N SER D 108 -7.12 -17.97 -38.43
CA SER D 108 -7.99 -18.89 -39.16
C SER D 108 -8.16 -20.25 -38.44
N CYS D 109 -9.30 -20.94 -38.60
CA CYS D 109 -9.48 -22.19 -37.94
C CYS D 109 -8.69 -23.35 -38.58
N LYS D 110 -8.29 -24.32 -37.80
CA LYS D 110 -7.64 -25.55 -38.31
C LYS D 110 -8.70 -26.57 -38.73
N ARG D 111 -8.33 -27.44 -39.66
CA ARG D 111 -9.16 -28.62 -40.04
C ARG D 111 -8.83 -29.73 -39.07
N GLY D 112 -9.85 -30.47 -38.63
CA GLY D 112 -9.67 -31.68 -37.87
C GLY D 112 -8.41 -32.37 -38.26
N PRO D 113 -8.32 -32.84 -39.53
CA PRO D 113 -7.18 -33.69 -39.88
C PRO D 113 -5.77 -33.14 -39.65
N ARG D 114 -5.63 -31.84 -39.47
CA ARG D 114 -4.37 -31.16 -39.39
C ARG D 114 -4.07 -30.69 -37.98
N THR D 115 -5.04 -30.94 -37.09
CA THR D 115 -4.82 -30.84 -35.63
C THR D 115 -4.21 -32.10 -35.10
N HIS D 116 -3.51 -31.99 -33.97
CA HIS D 116 -3.01 -33.16 -33.22
C HIS D 116 -2.76 -32.80 -31.76
N TYR D 117 -2.94 -33.75 -30.84
CA TYR D 117 -2.65 -33.53 -29.42
C TYR D 117 -1.25 -32.90 -29.27
N GLY D 118 -1.10 -31.99 -28.32
CA GLY D 118 0.16 -31.23 -28.22
C GLY D 118 0.32 -29.92 -28.96
N GLN D 119 -0.41 -29.69 -30.07
CA GLN D 119 -0.35 -28.37 -30.71
C GLN D 119 -0.81 -27.25 -29.76
N LYS D 120 -0.16 -26.06 -29.85
CA LYS D 120 -0.71 -24.82 -29.27
C LYS D 120 -2.12 -24.46 -29.85
N ALA D 121 -2.30 -24.70 -31.15
CA ALA D 121 -3.60 -24.48 -31.87
C ALA D 121 -4.84 -24.98 -31.15
N ILE D 122 -4.68 -26.06 -30.37
CA ILE D 122 -5.83 -26.78 -29.79
C ILE D 122 -6.17 -26.45 -28.31
N LEU D 123 -5.40 -25.54 -27.72
CA LEU D 123 -5.53 -25.23 -26.28
C LEU D 123 -6.25 -23.94 -26.14
N PHE D 124 -7.29 -23.97 -25.34
CA PHE D 124 -8.16 -22.81 -25.11
C PHE D 124 -8.37 -22.63 -23.62
N LEU D 125 -8.16 -21.41 -23.18
CA LEU D 125 -8.45 -21.06 -21.79
C LEU D 125 -9.89 -20.53 -21.74
N PRO D 126 -10.78 -21.17 -20.96
CA PRO D 126 -12.13 -20.68 -20.77
C PRO D 126 -12.06 -19.54 -19.74
N LEU D 127 -12.78 -18.47 -20.03
CA LEU D 127 -12.61 -17.18 -19.31
C LEU D 127 -14.03 -16.74 -19.04
N PRO D 128 -14.59 -17.12 -17.89
CA PRO D 128 -16.01 -16.91 -17.63
C PRO D 128 -16.22 -15.44 -17.43
N VAL D 129 -16.84 -14.78 -18.40
CA VAL D 129 -17.10 -13.34 -18.34
C VAL D 129 -18.06 -12.95 -17.21
N SER D 130 -17.63 -11.89 -16.50
CA SER D 130 -18.08 -11.47 -15.12
C SER D 130 -17.95 -12.54 -14.00
N LYS E 1 13.42 -5.43 -21.36
CA LYS E 1 11.96 -5.73 -21.50
C LYS E 1 11.67 -7.23 -21.31
N LYS E 2 12.28 -7.81 -20.26
CA LYS E 2 12.00 -9.18 -19.82
C LYS E 2 11.03 -9.14 -18.64
N PRO E 3 10.26 -10.23 -18.42
CA PRO E 3 9.10 -10.11 -17.53
C PRO E 3 9.44 -10.02 -16.03
N LYS E 4 8.47 -9.60 -15.21
CA LYS E 4 8.58 -9.56 -13.76
C LYS E 4 7.23 -10.00 -13.23
N LEU E 5 7.23 -10.55 -12.04
CA LEU E 5 6.02 -10.76 -11.26
C LEU E 5 5.82 -9.57 -10.30
N LEU E 6 4.54 -9.23 -10.05
CA LEU E 6 4.15 -8.38 -8.95
C LEU E 6 3.51 -9.21 -7.87
N TYR E 7 4.27 -9.46 -6.82
CA TYR E 7 3.86 -10.26 -5.67
C TYR E 7 3.26 -9.45 -4.52
N CYS E 8 2.09 -9.88 -4.04
CA CYS E 8 1.37 -9.12 -3.07
C CYS E 8 1.52 -9.85 -1.77
N SER E 9 2.07 -9.17 -0.78
CA SER E 9 2.32 -9.72 0.55
C SER E 9 1.06 -10.17 1.32
N ASN E 10 -0.04 -9.47 1.11
CA ASN E 10 -1.31 -9.82 1.71
C ASN E 10 -1.96 -11.08 1.13
N GLY E 11 -1.54 -12.24 1.57
CA GLY E 11 -2.07 -13.44 0.91
C GLY E 11 -1.13 -14.19 0.00
N GLY E 12 -0.18 -13.47 -0.62
CA GLY E 12 0.83 -14.10 -1.42
C GLY E 12 0.47 -14.38 -2.86
N HIS E 13 -0.12 -13.41 -3.54
CA HIS E 13 -0.64 -13.64 -4.87
C HIS E 13 0.15 -12.83 -5.78
N PHE E 14 0.38 -13.35 -6.98
CA PHE E 14 0.94 -12.62 -8.08
C PHE E 14 -0.20 -11.96 -8.78
N LEU E 15 0.03 -10.73 -9.18
CA LEU E 15 -1.00 -10.02 -9.91
C LEU E 15 -1.12 -10.55 -11.40
N ARG E 16 -2.38 -10.85 -11.79
CA ARG E 16 -2.69 -11.58 -13.01
C ARG E 16 -3.66 -10.75 -13.85
N ILE E 17 -3.36 -10.54 -15.14
CA ILE E 17 -4.25 -9.85 -16.07
C ILE E 17 -4.70 -10.92 -17.12
N LEU E 18 -5.87 -11.50 -16.89
CA LEU E 18 -6.43 -12.59 -17.77
C LEU E 18 -6.77 -12.04 -19.12
N PRO E 19 -6.70 -12.87 -20.21
CA PRO E 19 -7.02 -12.33 -21.59
C PRO E 19 -8.36 -11.56 -21.76
N ASP E 20 -9.37 -11.79 -20.91
CA ASP E 20 -10.68 -11.13 -21.05
C ASP E 20 -10.68 -9.85 -20.21
N GLY E 21 -9.52 -9.57 -19.58
CA GLY E 21 -9.33 -8.30 -18.90
C GLY E 21 -9.74 -8.45 -17.48
N THR E 22 -10.05 -9.65 -17.00
CA THR E 22 -10.23 -9.81 -15.56
C THR E 22 -8.83 -9.55 -14.94
N VAL E 23 -8.80 -8.91 -13.76
CA VAL E 23 -7.55 -8.75 -12.96
C VAL E 23 -7.82 -9.42 -11.62
N ASP E 24 -6.94 -10.33 -11.19
CA ASP E 24 -7.05 -10.92 -9.84
C ASP E 24 -5.68 -11.32 -9.37
N GLY E 25 -5.62 -12.10 -8.30
CA GLY E 25 -4.35 -12.69 -7.88
C GLY E 25 -4.31 -14.21 -8.04
N THR E 26 -3.11 -14.76 -8.27
CA THR E 26 -2.89 -16.20 -8.20
C THR E 26 -1.65 -16.60 -7.41
N ARG E 27 -1.71 -17.62 -6.55
CA ARG E 27 -0.47 -18.17 -5.97
C ARG E 27 0.42 -18.96 -6.93
N ASP E 28 -0.10 -19.32 -8.09
CA ASP E 28 0.61 -20.12 -9.08
C ASP E 28 1.64 -19.32 -9.91
N ARG E 29 2.93 -19.56 -9.64
CA ARG E 29 4.03 -18.82 -10.23
C ARG E 29 4.26 -19.28 -11.66
N SER E 30 3.59 -20.38 -12.02
CA SER E 30 3.61 -20.96 -13.38
C SER E 30 2.67 -20.24 -14.35
N ASP E 31 1.57 -19.70 -13.84
CA ASP E 31 0.63 -18.94 -14.66
C ASP E 31 1.23 -18.06 -15.71
N GLN E 32 0.75 -18.20 -16.94
CA GLN E 32 1.25 -17.39 -18.06
C GLN E 32 0.86 -15.90 -18.03
N HIS E 33 -0.17 -15.58 -17.25
CA HIS E 33 -0.75 -14.21 -17.27
C HIS E 33 -0.34 -13.27 -16.06
N ILE E 34 0.60 -13.75 -15.23
CA ILE E 34 1.20 -12.95 -14.14
C ILE E 34 2.55 -12.35 -14.60
N GLN E 35 2.95 -12.65 -15.84
CA GLN E 35 4.18 -12.12 -16.39
C GLN E 35 3.88 -10.75 -16.92
N LEU E 36 4.61 -9.77 -16.39
CA LEU E 36 4.31 -8.34 -16.53
C LEU E 36 5.49 -7.54 -17.02
N GLN E 37 5.14 -6.42 -17.61
CA GLN E 37 6.05 -5.46 -18.22
C GLN E 37 5.75 -4.16 -17.52
N LEU E 38 6.78 -3.61 -16.87
CA LEU E 38 6.70 -2.32 -16.18
C LEU E 38 7.27 -1.20 -17.06
N SER E 39 6.39 -0.49 -17.73
CA SER E 39 6.81 0.49 -18.69
C SER E 39 6.68 1.87 -18.10
N ALA E 40 7.82 2.43 -17.73
CA ALA E 40 7.90 3.79 -17.19
C ALA E 40 7.93 4.82 -18.31
N GLU E 41 6.77 5.40 -18.62
CA GLU E 41 6.69 6.56 -19.54
C GLU E 41 7.47 7.80 -19.02
N SER E 42 6.75 8.82 -18.55
CA SER E 42 7.37 9.89 -17.75
C SER E 42 7.70 9.29 -16.37
N VAL E 43 8.78 9.82 -15.76
CA VAL E 43 9.37 9.36 -14.48
C VAL E 43 8.43 8.92 -13.32
N GLY E 44 7.43 9.75 -12.98
CA GLY E 44 6.41 9.35 -11.97
C GLY E 44 5.74 7.97 -12.19
N GLU E 45 5.38 7.72 -13.45
CA GLU E 45 4.39 6.74 -13.89
C GLU E 45 4.95 5.43 -14.44
N VAL E 46 4.11 4.41 -14.41
CA VAL E 46 4.39 3.18 -15.16
C VAL E 46 3.12 2.76 -15.89
N TYR E 47 3.33 2.09 -17.01
CA TYR E 47 2.35 1.13 -17.58
C TYR E 47 2.67 -0.28 -17.07
N ILE E 48 1.70 -0.97 -16.45
CA ILE E 48 1.87 -2.40 -16.13
C ILE E 48 1.15 -3.25 -17.21
N LYS E 49 1.94 -3.81 -18.12
CA LYS E 49 1.47 -4.54 -19.29
C LYS E 49 1.67 -6.07 -19.20
N SER E 50 0.63 -6.84 -19.55
CA SER E 50 0.80 -8.29 -19.78
C SER E 50 1.82 -8.57 -20.90
N THR E 51 2.83 -9.40 -20.60
CA THR E 51 3.83 -9.87 -21.60
C THR E 51 3.23 -10.99 -22.54
N GLU E 52 2.17 -11.62 -22.08
CA GLU E 52 1.46 -12.62 -22.88
C GLU E 52 0.53 -11.97 -23.89
N THR E 53 -0.33 -11.08 -23.44
CA THR E 53 -1.43 -10.61 -24.29
C THR E 53 -1.37 -9.13 -24.63
N GLY E 54 -0.25 -8.46 -24.32
CA GLY E 54 -0.06 -7.03 -24.58
C GLY E 54 -1.05 -6.09 -23.87
N GLN E 55 -1.94 -6.61 -23.02
CA GLN E 55 -2.95 -5.78 -22.40
C GLN E 55 -2.39 -4.91 -21.23
N TYR E 56 -3.18 -3.92 -20.78
CA TYR E 56 -2.77 -2.90 -19.78
C TYR E 56 -3.63 -2.87 -18.54
N LEU E 57 -2.99 -2.95 -17.38
CA LEU E 57 -3.72 -2.68 -16.15
C LEU E 57 -4.26 -1.25 -16.24
N ALA E 58 -5.47 -1.07 -15.69
CA ALA E 58 -6.20 0.18 -15.68
C ALA E 58 -7.23 0.08 -14.56
N MET E 59 -7.62 1.24 -14.03
CA MET E 59 -8.62 1.31 -12.95
C MET E 59 -9.78 2.17 -13.45
N ASP E 60 -11.03 1.80 -13.09
CA ASP E 60 -12.22 2.57 -13.53
C ASP E 60 -12.77 3.57 -12.47
N THR E 61 -13.70 4.41 -12.94
CA THR E 61 -14.42 5.37 -12.11
C THR E 61 -14.89 4.79 -10.75
N ASP E 62 -15.04 3.47 -10.64
CA ASP E 62 -15.45 2.85 -9.36
C ASP E 62 -14.33 2.08 -8.63
N GLY E 63 -13.09 2.37 -9.05
CA GLY E 63 -11.90 1.74 -8.46
C GLY E 63 -11.67 0.24 -8.66
N LEU E 64 -12.29 -0.35 -9.69
CA LEU E 64 -12.09 -1.79 -9.97
C LEU E 64 -10.98 -1.94 -11.00
N LEU E 65 -10.10 -2.90 -10.76
CA LEU E 65 -9.06 -3.19 -11.73
C LEU E 65 -9.65 -3.93 -12.98
N TYR E 66 -9.17 -3.60 -14.17
CA TYR E 66 -9.52 -4.36 -15.36
C TYR E 66 -8.34 -4.22 -16.39
N GLY E 67 -8.17 -5.21 -17.29
CA GLY E 67 -7.12 -5.16 -18.31
C GLY E 67 -7.58 -4.53 -19.61
N SER E 68 -6.89 -3.50 -20.06
CA SER E 68 -7.28 -2.78 -21.25
C SER E 68 -6.49 -3.22 -22.45
N GLN E 69 -7.26 -3.58 -23.48
CA GLN E 69 -6.68 -3.85 -24.79
C GLN E 69 -5.96 -2.60 -25.32
N THR E 70 -6.50 -1.43 -24.97
CA THR E 70 -5.94 -0.15 -25.43
C THR E 70 -5.47 0.79 -24.30
N PRO E 71 -4.21 1.28 -24.39
CA PRO E 71 -3.54 2.26 -23.50
C PRO E 71 -4.25 3.58 -23.31
N ASN E 72 -5.25 3.64 -22.43
CA ASN E 72 -5.92 4.88 -22.14
C ASN E 72 -5.43 5.61 -20.88
N GLU E 73 -6.19 6.59 -20.40
CA GLU E 73 -5.74 7.33 -19.23
C GLU E 73 -5.89 6.57 -17.93
N GLU E 74 -6.82 5.61 -17.92
CA GLU E 74 -7.10 4.82 -16.71
C GLU E 74 -6.02 3.73 -16.44
N CYS E 75 -4.95 3.77 -17.25
CA CYS E 75 -3.86 2.79 -17.30
C CYS E 75 -2.53 3.25 -16.71
N LEU E 76 -2.52 4.51 -16.31
CA LEU E 76 -1.27 5.16 -15.89
C LEU E 76 -1.23 5.11 -14.36
N PHE E 77 -0.11 4.60 -13.85
CA PHE E 77 0.02 4.34 -12.40
C PHE E 77 1.26 5.07 -11.80
N LEU E 78 1.05 5.65 -10.62
CA LEU E 78 2.14 6.34 -9.86
C LEU E 78 2.91 5.31 -9.00
N GLU E 79 4.18 5.07 -9.29
CA GLU E 79 4.98 4.08 -8.59
C GLU E 79 5.86 4.64 -7.44
N ARG E 80 5.47 4.31 -6.18
CA ARG E 80 6.19 4.71 -4.93
C ARG E 80 6.78 3.57 -4.12
N LEU E 81 8.00 3.75 -3.63
CA LEU E 81 8.60 2.87 -2.69
C LEU E 81 8.06 3.26 -1.33
N GLU E 82 7.53 2.30 -0.55
CA GLU E 82 7.08 2.59 0.81
C GLU E 82 8.16 2.27 1.85
N GLU E 83 7.83 2.42 3.14
CA GLU E 83 8.90 2.40 4.19
C GLU E 83 9.71 1.10 4.14
N ASN E 84 8.98 -0.02 4.07
CA ASN E 84 9.54 -1.38 4.13
C ASN E 84 9.93 -1.95 2.79
N HIS E 85 10.17 -1.00 1.88
CA HIS E 85 10.77 -1.17 0.56
C HIS E 85 9.95 -2.02 -0.46
N TYR E 86 8.66 -2.16 -0.16
CA TYR E 86 7.64 -2.55 -1.15
C TYR E 86 7.25 -1.40 -2.05
N ASN E 87 6.72 -1.72 -3.22
CA ASN E 87 6.24 -0.74 -4.14
C ASN E 87 4.75 -0.63 -4.04
N THR E 88 4.23 0.54 -4.33
CA THR E 88 2.78 0.74 -4.29
C THR E 88 2.50 1.41 -5.59
N TYR E 89 1.23 1.40 -6.01
CA TYR E 89 0.83 1.78 -7.38
C TYR E 89 -0.49 2.50 -7.21
N ILE E 90 -0.44 3.79 -7.37
CA ILE E 90 -1.64 4.59 -7.21
C ILE E 90 -2.12 4.93 -8.60
N SER E 91 -3.44 4.95 -8.74
CA SER E 91 -4.08 5.45 -9.94
C SER E 91 -3.84 6.94 -10.13
N LYS E 92 -3.36 7.34 -11.31
CA LYS E 92 -3.28 8.76 -11.64
C LYS E 92 -4.66 9.50 -11.73
N LYS E 93 -5.48 9.10 -12.70
CA LYS E 93 -6.88 9.51 -12.75
C LYS E 93 -7.39 9.74 -11.33
N HIS E 94 -7.34 8.73 -10.47
CA HIS E 94 -7.84 8.96 -9.11
C HIS E 94 -6.75 9.43 -8.13
N ALA E 95 -5.65 10.00 -8.65
CA ALA E 95 -4.50 10.35 -7.80
C ALA E 95 -4.94 10.80 -6.41
N GLU E 96 -5.70 11.90 -6.40
CA GLU E 96 -6.07 12.65 -5.20
C GLU E 96 -7.04 11.96 -4.21
N LYS E 97 -7.46 10.74 -4.54
CA LYS E 97 -8.37 9.97 -3.69
C LYS E 97 -7.65 8.83 -3.01
N ASN E 98 -6.39 8.67 -3.46
CA ASN E 98 -5.43 7.59 -3.14
C ASN E 98 -5.90 6.20 -3.53
N TRP E 99 -6.11 6.02 -4.83
CA TRP E 99 -6.64 4.74 -5.25
C TRP E 99 -5.50 3.83 -5.72
N PHE E 100 -5.26 2.83 -4.88
CA PHE E 100 -4.17 1.87 -5.08
C PHE E 100 -4.58 0.59 -5.92
N VAL E 101 -3.60 -0.03 -6.59
CA VAL E 101 -3.65 -1.47 -6.97
C VAL E 101 -3.62 -2.28 -5.68
N GLY E 102 -4.55 -3.22 -5.55
CA GLY E 102 -4.62 -4.06 -4.35
C GLY E 102 -5.23 -5.46 -4.50
N LEU E 103 -4.78 -6.43 -3.70
CA LEU E 103 -5.34 -7.79 -3.68
C LEU E 103 -5.70 -8.26 -2.26
N LYS E 104 -6.93 -8.74 -2.08
CA LYS E 104 -7.43 -9.17 -0.76
C LYS E 104 -6.80 -10.50 -0.38
N LYS E 105 -6.95 -10.88 0.89
CA LYS E 105 -6.38 -12.16 1.40
C LYS E 105 -6.76 -13.40 0.54
N ASN E 106 -7.91 -13.35 -0.12
CA ASN E 106 -8.48 -14.49 -0.85
C ASN E 106 -8.09 -14.58 -2.33
N GLY E 107 -7.61 -13.45 -2.89
CA GLY E 107 -7.09 -13.39 -4.26
C GLY E 107 -7.81 -12.41 -5.16
N SER E 108 -8.94 -11.90 -4.68
CA SER E 108 -9.74 -10.94 -5.43
C SER E 108 -9.20 -9.55 -5.25
N CYS E 109 -9.27 -8.79 -6.34
CA CYS E 109 -8.88 -7.39 -6.32
C CYS E 109 -9.61 -6.57 -5.24
N LYS E 110 -8.96 -5.50 -4.80
CA LYS E 110 -9.60 -4.50 -3.97
C LYS E 110 -9.97 -3.32 -4.84
N ARG E 111 -11.16 -2.76 -4.62
CA ARG E 111 -11.55 -1.54 -5.29
C ARG E 111 -10.80 -0.38 -4.65
N GLY E 112 -10.45 0.62 -5.45
CA GLY E 112 -9.88 1.90 -4.94
C GLY E 112 -10.44 2.40 -3.60
N PRO E 113 -11.78 2.65 -3.52
CA PRO E 113 -12.43 3.22 -2.32
C PRO E 113 -12.00 2.56 -1.01
N ARG E 114 -11.68 1.27 -1.06
CA ARG E 114 -11.29 0.54 0.14
C ARG E 114 -9.77 0.44 0.26
N THR E 115 -9.03 1.02 -0.69
CA THR E 115 -7.56 1.14 -0.51
C THR E 115 -7.18 2.24 0.54
N HIS E 116 -6.27 1.88 1.44
CA HIS E 116 -5.71 2.83 2.36
C HIS E 116 -4.29 2.40 2.70
N TYR E 117 -3.44 3.36 3.10
CA TYR E 117 -2.10 3.07 3.64
C TYR E 117 -2.18 2.09 4.80
N GLY E 118 -1.04 1.50 5.15
CA GLY E 118 -1.00 0.49 6.20
C GLY E 118 -1.67 -0.85 5.84
N GLN E 119 -2.44 -0.86 4.75
CA GLN E 119 -2.99 -2.08 4.19
C GLN E 119 -1.93 -2.97 3.58
N LYS E 120 -1.93 -4.24 3.99
CA LYS E 120 -1.00 -5.17 3.38
C LYS E 120 -1.43 -5.52 1.93
N ALA E 121 -2.68 -5.27 1.60
CA ALA E 121 -3.24 -5.50 0.26
C ALA E 121 -2.61 -4.61 -0.83
N ILE E 122 -1.93 -3.52 -0.42
CA ILE E 122 -1.39 -2.61 -1.44
C ILE E 122 0.13 -2.75 -1.67
N LEU E 123 0.73 -3.65 -0.91
CA LEU E 123 2.19 -3.81 -0.88
C LEU E 123 2.62 -4.85 -1.95
N PHE E 124 3.33 -4.43 -2.99
CA PHE E 124 3.87 -5.33 -4.02
C PHE E 124 5.36 -5.41 -4.07
N LEU E 125 5.86 -6.63 -4.22
CA LEU E 125 7.28 -6.85 -4.54
C LEU E 125 7.48 -7.31 -5.97
N PRO E 126 8.24 -6.57 -6.74
CA PRO E 126 8.63 -7.05 -8.07
C PRO E 126 9.61 -8.23 -7.97
N LEU E 127 9.28 -9.36 -8.57
CA LEU E 127 10.02 -10.61 -8.36
C LEU E 127 10.58 -11.10 -9.69
N PRO E 128 11.65 -11.91 -9.65
CA PRO E 128 12.01 -12.33 -10.97
C PRO E 128 11.07 -13.44 -11.46
N VAL E 129 10.94 -13.39 -12.75
CA VAL E 129 10.88 -14.50 -13.60
C VAL E 129 11.93 -13.87 -14.58
N SER E 130 12.81 -14.73 -15.14
CA SER E 130 13.61 -14.41 -16.38
C SER E 130 14.85 -13.49 -16.22
N LYS F 1 0.90 -25.74 -11.41
CA LYS F 1 0.85 -26.22 -9.99
C LYS F 1 -0.30 -25.60 -9.18
N LYS F 2 -1.48 -25.51 -9.83
CA LYS F 2 -2.79 -25.37 -9.18
C LYS F 2 -3.47 -26.75 -9.21
N PRO F 3 -4.29 -27.07 -8.20
CA PRO F 3 -4.80 -28.47 -8.06
C PRO F 3 -5.75 -28.94 -9.16
N LYS F 4 -5.96 -30.26 -9.22
CA LYS F 4 -6.88 -30.89 -10.15
C LYS F 4 -7.66 -31.93 -9.40
N LEU F 5 -8.85 -32.22 -9.88
CA LEU F 5 -9.66 -33.34 -9.37
C LEU F 5 -9.58 -34.44 -10.40
N LEU F 6 -9.72 -35.69 -9.96
CA LEU F 6 -9.81 -36.84 -10.78
C LEU F 6 -11.15 -37.44 -10.45
N TYR F 7 -11.98 -37.48 -11.49
CA TYR F 7 -13.39 -37.79 -11.37
C TYR F 7 -13.63 -39.17 -11.96
N CYS F 8 -14.11 -40.08 -11.15
CA CYS F 8 -14.36 -41.39 -11.64
C CYS F 8 -15.80 -41.53 -12.19
N SER F 9 -15.84 -41.95 -13.45
CA SER F 9 -17.03 -42.45 -14.16
C SER F 9 -17.92 -43.42 -13.38
N ASN F 10 -17.31 -44.50 -12.87
CA ASN F 10 -17.99 -45.54 -12.08
C ASN F 10 -18.61 -45.00 -10.80
N GLY F 11 -19.86 -44.62 -10.81
CA GLY F 11 -20.35 -43.96 -9.60
C GLY F 11 -20.08 -42.47 -9.39
N GLY F 12 -19.23 -41.80 -10.15
CA GLY F 12 -19.13 -40.34 -9.94
C GLY F 12 -18.37 -39.86 -8.72
N HIS F 13 -17.25 -40.49 -8.41
CA HIS F 13 -16.48 -40.00 -7.27
C HIS F 13 -15.22 -39.27 -7.64
N PHE F 14 -14.94 -38.18 -6.95
CA PHE F 14 -13.57 -37.72 -6.84
C PHE F 14 -12.56 -38.58 -6.02
N LEU F 15 -11.41 -38.88 -6.60
CA LEU F 15 -10.39 -39.57 -5.84
C LEU F 15 -9.85 -38.73 -4.68
N ARG F 16 -9.77 -39.39 -3.52
CA ARG F 16 -9.49 -38.71 -2.25
C ARG F 16 -8.47 -39.50 -1.48
N ILE F 17 -7.41 -38.81 -1.07
CA ILE F 17 -6.37 -39.26 -0.18
C ILE F 17 -6.54 -38.54 1.21
N LEU F 18 -7.18 -39.28 2.11
CA LEU F 18 -7.36 -38.79 3.51
C LEU F 18 -6.05 -38.76 4.26
N PRO F 19 -5.90 -37.83 5.25
CA PRO F 19 -4.60 -37.58 5.98
C PRO F 19 -4.00 -38.77 6.68
N ASP F 20 -4.80 -39.79 6.83
CA ASP F 20 -4.32 -40.99 7.49
C ASP F 20 -3.84 -42.04 6.48
N GLY F 21 -3.93 -41.73 5.17
CA GLY F 21 -3.49 -42.67 4.14
C GLY F 21 -4.60 -43.50 3.59
N THR F 22 -5.85 -43.31 4.06
CA THR F 22 -6.99 -43.98 3.48
C THR F 22 -7.21 -43.39 2.07
N VAL F 23 -7.35 -44.26 1.08
CA VAL F 23 -7.69 -43.84 -0.27
C VAL F 23 -9.09 -44.32 -0.56
N ASP F 24 -9.94 -43.39 -0.96
CA ASP F 24 -11.30 -43.68 -1.32
C ASP F 24 -11.79 -42.65 -2.38
N GLY F 25 -13.10 -42.56 -2.58
CA GLY F 25 -13.67 -41.54 -3.43
C GLY F 25 -14.75 -40.74 -2.73
N THR F 26 -14.84 -39.46 -3.04
CA THR F 26 -16.02 -38.78 -2.58
C THR F 26 -16.82 -38.09 -3.68
N ARG F 27 -18.16 -38.04 -3.57
CA ARG F 27 -18.97 -37.25 -4.54
C ARG F 27 -19.02 -35.80 -4.20
N ASP F 28 -18.40 -35.40 -3.09
CA ASP F 28 -18.38 -33.98 -2.67
C ASP F 28 -17.23 -33.20 -3.26
N ARG F 29 -17.50 -32.16 -4.07
CA ARG F 29 -16.45 -31.41 -4.77
C ARG F 29 -15.70 -30.42 -3.93
N SER F 30 -16.20 -30.14 -2.74
CA SER F 30 -15.63 -29.11 -1.86
C SER F 30 -14.67 -29.73 -0.82
N ASP F 31 -14.71 -31.03 -0.69
CA ASP F 31 -13.73 -31.78 0.10
C ASP F 31 -12.27 -31.38 -0.17
N GLN F 32 -11.51 -31.07 0.89
CA GLN F 32 -10.13 -30.55 0.74
C GLN F 32 -9.14 -31.66 0.42
N HIS F 33 -9.59 -32.91 0.42
CA HIS F 33 -8.66 -34.07 0.25
C HIS F 33 -8.64 -34.73 -1.17
N ILE F 34 -9.44 -34.21 -2.06
CA ILE F 34 -9.53 -34.67 -3.46
C ILE F 34 -8.72 -33.73 -4.40
N GLN F 35 -8.17 -32.64 -3.83
CA GLN F 35 -7.30 -31.79 -4.61
C GLN F 35 -5.90 -32.40 -4.79
N LEU F 36 -5.53 -32.63 -6.06
CA LEU F 36 -4.39 -33.39 -6.42
C LEU F 36 -3.40 -32.64 -7.33
N GLN F 37 -2.14 -33.01 -7.28
CA GLN F 37 -1.18 -32.45 -8.19
C GLN F 37 -0.57 -33.65 -8.90
N LEU F 38 -0.44 -33.58 -10.22
CA LEU F 38 0.29 -34.61 -10.93
C LEU F 38 1.63 -34.12 -11.40
N SER F 39 2.69 -34.85 -11.10
CA SER F 39 4.05 -34.45 -11.46
C SER F 39 4.75 -35.52 -12.22
N ALA F 40 5.41 -35.13 -13.31
CA ALA F 40 6.23 -36.05 -14.16
C ALA F 40 7.57 -36.45 -13.54
N GLU F 41 7.79 -37.75 -13.39
CA GLU F 41 9.10 -38.32 -12.99
C GLU F 41 9.95 -38.75 -14.20
N SER F 42 9.61 -38.21 -15.37
CA SER F 42 9.71 -39.03 -16.56
C SER F 42 8.55 -38.80 -17.47
N VAL F 43 8.79 -39.13 -18.74
CA VAL F 43 7.68 -39.17 -19.67
C VAL F 43 6.71 -40.35 -19.38
N GLY F 44 5.46 -39.95 -19.16
CA GLY F 44 4.32 -40.88 -18.99
C GLY F 44 4.23 -41.60 -17.67
N GLU F 45 5.22 -41.36 -16.81
CA GLU F 45 5.17 -41.78 -15.38
C GLU F 45 4.72 -40.59 -14.61
N VAL F 46 3.77 -40.73 -13.67
CA VAL F 46 3.39 -39.58 -12.83
C VAL F 46 3.38 -39.90 -11.32
N TYR F 47 3.41 -38.85 -10.48
CA TYR F 47 3.08 -39.07 -9.08
C TYR F 47 1.80 -38.38 -8.96
N ILE F 48 0.91 -38.94 -8.10
CA ILE F 48 -0.36 -38.27 -7.82
C ILE F 48 -0.33 -37.85 -6.35
N LYS F 49 -0.23 -36.54 -6.09
CA LYS F 49 0.04 -36.00 -4.73
C LYS F 49 -1.14 -35.16 -4.21
N SER F 50 -1.50 -35.36 -2.95
CA SER F 50 -2.46 -34.53 -2.25
C SER F 50 -1.83 -33.19 -2.10
N THR F 51 -2.43 -32.16 -2.67
CA THR F 51 -1.99 -30.77 -2.42
C THR F 51 -2.26 -30.28 -0.95
N GLU F 52 -3.18 -30.90 -0.25
CA GLU F 52 -3.48 -30.53 1.12
C GLU F 52 -2.43 -31.07 2.12
N THR F 53 -2.09 -32.35 2.04
CA THR F 53 -1.17 -33.02 2.96
C THR F 53 0.26 -33.38 2.43
N GLY F 54 0.49 -33.36 1.11
CA GLY F 54 1.79 -33.74 0.53
C GLY F 54 1.93 -35.23 0.30
N GLN F 55 0.92 -36.02 0.66
CA GLN F 55 0.98 -37.44 0.46
C GLN F 55 0.86 -37.86 -1.01
N TYR F 56 1.33 -39.09 -1.31
CA TYR F 56 1.52 -39.60 -2.67
C TYR F 56 0.68 -40.81 -2.68
N LEU F 57 -0.18 -40.94 -3.67
CA LEU F 57 -0.95 -42.14 -3.90
C LEU F 57 0.06 -43.29 -4.14
N ALA F 58 -0.23 -44.51 -3.72
CA ALA F 58 0.74 -45.55 -3.89
C ALA F 58 -0.10 -46.75 -3.94
N MET F 59 0.45 -47.84 -4.48
CA MET F 59 -0.31 -49.06 -4.53
C MET F 59 0.59 -50.19 -3.92
N ASP F 60 0.11 -50.89 -2.92
CA ASP F 60 1.06 -51.83 -2.24
C ASP F 60 1.11 -53.16 -3.02
N THR F 61 1.92 -54.10 -2.51
CA THR F 61 2.12 -55.39 -3.17
C THR F 61 0.89 -56.28 -3.08
N ASP F 62 -0.16 -55.86 -2.38
CA ASP F 62 -1.43 -56.54 -2.49
C ASP F 62 -2.39 -55.77 -3.42
N GLY F 63 -1.91 -54.70 -4.06
CA GLY F 63 -2.78 -53.98 -4.96
C GLY F 63 -3.77 -53.00 -4.33
N LEU F 64 -3.53 -52.64 -3.07
CA LEU F 64 -4.44 -51.74 -2.33
C LEU F 64 -3.81 -50.40 -2.42
N LEU F 65 -4.61 -49.40 -2.73
CA LEU F 65 -4.22 -47.95 -2.74
C LEU F 65 -4.02 -47.35 -1.32
N TYR F 66 -2.97 -46.59 -1.07
CA TYR F 66 -2.82 -45.98 0.26
C TYR F 66 -2.10 -44.68 -0.05
N GLY F 67 -2.06 -43.75 0.89
CA GLY F 67 -1.33 -42.48 0.72
C GLY F 67 -0.08 -42.62 1.52
N SER F 68 1.04 -42.25 0.93
CA SER F 68 2.32 -42.50 1.51
C SER F 68 2.80 -41.08 1.84
N GLN F 69 3.40 -40.90 3.02
CA GLN F 69 4.01 -39.61 3.40
C GLN F 69 5.26 -39.25 2.62
N THR F 70 5.99 -40.27 2.18
CA THR F 70 7.18 -40.11 1.35
C THR F 70 6.94 -40.79 0.00
N PRO F 71 7.56 -40.27 -1.06
CA PRO F 71 7.58 -40.97 -2.35
C PRO F 71 8.37 -42.28 -2.26
N ASN F 72 7.90 -43.31 -2.93
CA ASN F 72 8.69 -44.50 -3.07
C ASN F 72 8.27 -45.14 -4.42
N GLU F 73 8.84 -46.33 -4.72
CA GLU F 73 8.64 -47.05 -6.02
C GLU F 73 7.17 -47.42 -6.16
N GLU F 74 6.45 -47.48 -5.04
CA GLU F 74 5.02 -47.79 -5.05
C GLU F 74 4.05 -46.59 -5.43
N CYS F 75 4.62 -45.40 -5.60
CA CYS F 75 3.85 -44.13 -5.81
C CYS F 75 3.86 -43.68 -7.28
N LEU F 76 4.64 -44.41 -8.05
CA LEU F 76 4.80 -44.14 -9.50
C LEU F 76 3.71 -44.82 -10.33
N PHE F 77 3.07 -44.06 -11.22
CA PHE F 77 1.99 -44.65 -12.03
C PHE F 77 2.24 -44.37 -13.54
N LEU F 78 1.92 -45.32 -14.38
CA LEU F 78 1.89 -45.02 -15.85
C LEU F 78 0.57 -44.35 -16.29
N GLU F 79 0.63 -43.17 -16.86
CA GLU F 79 -0.55 -42.48 -17.23
C GLU F 79 -0.89 -42.73 -18.71
N ARG F 80 -2.14 -43.07 -19.04
CA ARG F 80 -2.50 -43.38 -20.40
C ARG F 80 -3.77 -42.62 -20.76
N LEU F 81 -3.84 -42.03 -21.95
CA LEU F 81 -5.05 -41.35 -22.42
C LEU F 81 -5.87 -42.39 -23.14
N GLU F 82 -7.08 -42.72 -22.70
CA GLU F 82 -7.77 -43.80 -23.44
C GLU F 82 -8.70 -43.26 -24.56
N GLU F 83 -9.47 -44.13 -25.21
CA GLU F 83 -10.26 -43.77 -26.42
C GLU F 83 -11.07 -42.48 -26.25
N ASN F 84 -11.80 -42.36 -25.13
CA ASN F 84 -12.76 -41.25 -24.96
C ASN F 84 -12.22 -40.07 -24.18
N HIS F 85 -10.89 -40.01 -24.24
CA HIS F 85 -10.06 -39.00 -23.61
C HIS F 85 -10.01 -38.99 -22.08
N TYR F 86 -10.53 -40.05 -21.45
CA TYR F 86 -10.27 -40.31 -20.03
C TYR F 86 -8.84 -40.73 -19.80
N ASN F 87 -8.34 -40.60 -18.57
CA ASN F 87 -7.03 -41.09 -18.16
C ASN F 87 -7.14 -42.37 -17.35
N THR F 88 -6.22 -43.31 -17.58
CA THR F 88 -6.05 -44.43 -16.68
C THR F 88 -4.69 -44.34 -16.02
N TYR F 89 -4.57 -45.00 -14.88
CA TYR F 89 -3.29 -45.00 -14.11
C TYR F 89 -2.90 -46.40 -13.76
N ILE F 90 -1.70 -46.86 -14.18
CA ILE F 90 -1.29 -48.24 -13.88
C ILE F 90 -0.14 -48.16 -12.96
N SER F 91 -0.10 -49.00 -11.91
CA SER F 91 1.08 -49.15 -11.09
C SER F 91 2.30 -49.43 -11.90
N LYS F 92 3.36 -48.60 -11.80
CA LYS F 92 4.58 -48.89 -12.51
C LYS F 92 5.22 -50.19 -11.99
N LYS F 93 5.27 -50.33 -10.67
CA LYS F 93 5.80 -51.53 -10.03
C LYS F 93 5.14 -52.79 -10.54
N HIS F 94 3.83 -52.74 -10.64
CA HIS F 94 3.04 -53.88 -11.06
C HIS F 94 2.60 -53.79 -12.50
N ALA F 95 3.37 -53.06 -13.32
CA ALA F 95 2.95 -52.69 -14.67
C ALA F 95 2.54 -53.93 -15.41
N GLU F 96 3.33 -55.00 -15.27
CA GLU F 96 3.17 -56.20 -16.06
C GLU F 96 1.81 -56.89 -15.79
N LYS F 97 1.27 -56.64 -14.61
CA LYS F 97 0.01 -57.23 -14.19
C LYS F 97 -1.22 -56.43 -14.54
N ASN F 98 -1.01 -55.19 -14.96
CA ASN F 98 -2.07 -54.30 -15.37
C ASN F 98 -2.97 -53.88 -14.22
N TRP F 99 -2.31 -53.49 -13.14
CA TRP F 99 -3.03 -53.15 -11.92
C TRP F 99 -3.24 -51.63 -12.00
N PHE F 100 -4.49 -51.26 -12.09
CA PHE F 100 -4.92 -49.89 -12.22
C PHE F 100 -5.39 -49.35 -10.86
N VAL F 101 -5.31 -48.01 -10.75
CA VAL F 101 -6.15 -47.17 -9.94
C VAL F 101 -7.60 -47.30 -10.37
N GLY F 102 -8.45 -47.60 -9.40
CA GLY F 102 -9.90 -47.71 -9.71
C GLY F 102 -10.76 -47.45 -8.46
N LEU F 103 -11.96 -46.92 -8.65
CA LEU F 103 -12.97 -46.81 -7.60
C LEU F 103 -14.22 -47.61 -7.92
N LYS F 104 -14.54 -48.58 -7.06
CA LYS F 104 -15.87 -49.27 -7.09
C LYS F 104 -17.04 -48.27 -7.16
N LYS F 105 -18.24 -48.77 -7.46
CA LYS F 105 -19.41 -47.89 -7.51
C LYS F 105 -19.70 -47.21 -6.16
N ASN F 106 -19.41 -47.92 -5.06
CA ASN F 106 -19.64 -47.37 -3.72
C ASN F 106 -18.60 -46.38 -3.19
N GLY F 107 -17.58 -46.04 -3.99
CA GLY F 107 -16.58 -45.07 -3.49
C GLY F 107 -15.38 -45.64 -2.77
N SER F 108 -15.24 -46.95 -2.75
CA SER F 108 -14.07 -47.62 -2.22
C SER F 108 -13.15 -48.06 -3.39
N CYS F 109 -11.87 -48.12 -3.09
CA CYS F 109 -10.82 -48.53 -4.02
C CYS F 109 -11.05 -49.94 -4.56
N LYS F 110 -10.78 -50.14 -5.84
CA LYS F 110 -10.69 -51.48 -6.36
C LYS F 110 -9.27 -51.92 -5.97
N ARG F 111 -9.03 -53.21 -5.73
CA ARG F 111 -7.66 -53.67 -5.61
C ARG F 111 -7.16 -53.92 -7.01
N GLY F 112 -5.91 -53.56 -7.26
CA GLY F 112 -5.20 -53.83 -8.55
C GLY F 112 -5.48 -55.20 -9.17
N PRO F 113 -5.39 -56.27 -8.36
CA PRO F 113 -5.74 -57.58 -8.88
C PRO F 113 -7.16 -57.76 -9.40
N ARG F 114 -8.12 -56.97 -8.96
CA ARG F 114 -9.40 -57.07 -9.57
C ARG F 114 -9.71 -55.92 -10.53
N THR F 115 -8.72 -55.10 -10.89
CA THR F 115 -9.00 -54.15 -11.99
C THR F 115 -8.81 -54.84 -13.38
N HIS F 116 -9.54 -54.36 -14.40
CA HIS F 116 -9.35 -54.81 -15.77
C HIS F 116 -9.68 -53.70 -16.81
N TYR F 117 -9.00 -53.71 -17.97
CA TYR F 117 -9.37 -52.87 -19.15
C TYR F 117 -10.83 -53.04 -19.38
N GLY F 118 -11.52 -51.94 -19.64
CA GLY F 118 -12.94 -52.04 -19.89
C GLY F 118 -13.80 -51.66 -18.71
N GLN F 119 -13.27 -51.70 -17.49
CA GLN F 119 -14.03 -51.29 -16.32
C GLN F 119 -14.20 -49.83 -16.29
N LYS F 120 -15.41 -49.38 -15.98
CA LYS F 120 -15.67 -47.96 -15.75
C LYS F 120 -14.88 -47.50 -14.50
N ALA F 121 -14.67 -48.44 -13.57
CA ALA F 121 -13.87 -48.21 -12.34
C ALA F 121 -12.45 -47.63 -12.55
N ILE F 122 -11.83 -47.94 -13.68
CA ILE F 122 -10.48 -47.44 -13.91
C ILE F 122 -10.44 -46.04 -14.65
N LEU F 123 -11.60 -45.46 -14.99
CA LEU F 123 -11.63 -44.24 -15.83
C LEU F 123 -11.80 -42.92 -15.12
N PHE F 124 -10.82 -42.03 -15.27
CA PHE F 124 -10.83 -40.73 -14.59
C PHE F 124 -10.82 -39.55 -15.58
N LEU F 125 -11.60 -38.56 -15.27
CA LEU F 125 -11.52 -37.31 -15.93
C LEU F 125 -10.88 -36.32 -15.00
N PRO F 126 -9.80 -35.65 -15.39
CA PRO F 126 -9.20 -34.48 -14.68
C PRO F 126 -10.07 -33.27 -14.84
N LEU F 127 -10.46 -32.64 -13.73
CA LEU F 127 -11.42 -31.52 -13.70
C LEU F 127 -10.74 -30.36 -13.01
N PRO F 128 -11.16 -29.11 -13.33
CA PRO F 128 -10.58 -28.04 -12.54
C PRO F 128 -11.13 -27.97 -11.09
N VAL F 129 -10.39 -27.24 -10.26
CA VAL F 129 -10.91 -26.54 -9.07
C VAL F 129 -10.43 -25.02 -9.18
N SER F 130 -10.32 -24.27 -8.07
CA SER F 130 -9.88 -22.85 -8.09
C SER F 130 -8.46 -22.66 -8.69
C1 DBX G . 13.52 12.43 11.07
O1 DBX G . 13.42 10.15 11.77
S1 DBX G . 12.52 11.31 11.54
C2 DBX G . 13.21 13.27 10.07
O2 DBX G . 11.52 10.81 10.58
C3 DBX G . 14.74 12.54 11.71
O3 DBX G . 11.82 11.86 12.76
C4 DBX G . 15.35 14.36 10.30
O4 DBX G . 12.01 13.17 9.47
C5 DBX G . 15.64 13.51 11.33
O5 DBX G . 16.85 13.59 11.97
C6 DBX G . 14.14 14.22 9.68
C1 DBX H . -25.77 29.34 18.67
O1 DBX H . -26.05 27.63 20.54
S1 DBX H . -26.73 28.60 19.66
C2 DBX H . -24.48 28.92 18.68
O2 DBX H . -27.66 27.83 18.80
C3 DBX H . -26.16 30.37 17.81
O3 DBX H . -27.42 29.57 20.56
C4 DBX H . -23.89 30.53 16.99
O4 DBX H . -24.21 27.91 19.55
C5 DBX H . -25.21 30.97 16.97
O5 DBX H . -25.57 31.99 16.14
C6 DBX H . -23.52 29.50 17.85
#